data_2FN6
#
_entry.id   2FN6
#
_cell.length_a   87.691
_cell.length_b   155.424
_cell.length_c   71.482
_cell.angle_alpha   90.00
_cell.angle_beta   90.00
_cell.angle_gamma   90.00
#
_symmetry.space_group_name_H-M   'P 21 21 2'
#
loop_
_entity.id
_entity.type
_entity.pdbx_description
1 polymer AMINOTRANSFERASE
2 non-polymer 'PHOSPHATE ION'
3 water water
#
_entity_poly.entity_id   1
_entity_poly.type   'polypeptide(L)'
_entity_poly.pdbx_seq_one_letter_code
;MKEFAYSEPCLDKEDKKAVLEVLNSKQLTQGKRSLLFEEALCEFLGVKHALVFNSATSALLTLYRNFSEFSADRNEIITT
PISFVATANMLLESGYTPVFAGIKNDGNIDELALEKLINERTKAIVSVDYAGKSVEVESVQKLCKKHSLSFLSDSSHALG
SEYQNKKVGGFALASVFSFHAIKPITTAEGGAVVTNDSELHEKMKLFRSHGMLKKDFFEGEVKSIGHNFRLNEIQSALGL
SQLKKAPFLMQKREEAALTYDRIFKDNPYFTPLHPLLKDKSSNHLYPILMHQKFFTCKKLILESLHKRGILAQVHYKPIY
QYQLYQQLFNTAPLKSAEDFYHAEISLPCHANLNLESVQNIAHSVLKTFESFKIE
;
_entity_poly.pdbx_strand_id   A,B
#
loop_
_chem_comp.id
_chem_comp.type
_chem_comp.name
_chem_comp.formula
PO4 non-polymer 'PHOSPHATE ION' 'O4 P -3'
#
# COMPACT_ATOMS: atom_id res chain seq x y z
N LYS A 2 -26.55 -15.32 17.20
CA LYS A 2 -26.72 -14.58 15.92
C LYS A 2 -26.09 -13.19 16.06
N GLU A 3 -24.85 -13.07 15.59
CA GLU A 3 -24.01 -11.90 15.85
C GLU A 3 -23.97 -10.90 14.67
N PHE A 4 -23.97 -9.61 14.98
CA PHE A 4 -24.04 -8.57 13.96
C PHE A 4 -22.90 -7.57 14.06
N ALA A 5 -21.99 -7.62 13.10
CA ALA A 5 -20.94 -6.62 13.01
C ALA A 5 -21.57 -5.32 12.51
N TYR A 6 -20.93 -4.19 12.80
CA TYR A 6 -21.49 -2.90 12.45
C TYR A 6 -21.52 -2.72 10.92
N SER A 7 -20.55 -3.32 10.21
CA SER A 7 -20.59 -3.41 8.75
C SER A 7 -19.94 -4.71 8.24
N GLU A 8 -20.22 -5.07 7.00
CA GLU A 8 -19.72 -6.29 6.38
C GLU A 8 -19.53 -6.01 4.91
N PRO A 9 -18.58 -6.72 4.27
CA PRO A 9 -18.59 -6.75 2.81
C PRO A 9 -19.89 -7.40 2.27
N CYS A 10 -20.29 -7.00 1.06
CA CYS A 10 -21.45 -7.56 0.38
C CYS A 10 -21.08 -7.94 -1.05
N LEU A 11 -20.51 -9.13 -1.21
CA LEU A 11 -20.09 -9.63 -2.50
C LEU A 11 -21.10 -10.62 -3.05
N ASP A 12 -21.32 -10.58 -4.36
CA ASP A 12 -22.25 -11.48 -5.00
C ASP A 12 -21.57 -12.25 -6.14
N LYS A 13 -22.35 -13.06 -6.85
CA LYS A 13 -21.84 -13.94 -7.91
C LYS A 13 -20.98 -13.21 -8.95
N GLU A 14 -21.43 -12.02 -9.36
CA GLU A 14 -20.78 -11.27 -10.43
C GLU A 14 -19.42 -10.76 -9.97
N ASP A 15 -19.37 -10.32 -8.72
CA ASP A 15 -18.11 -9.96 -8.08
C ASP A 15 -17.11 -11.09 -8.15
N LYS A 16 -17.55 -12.30 -7.81
CA LYS A 16 -16.66 -13.47 -7.84
C LYS A 16 -16.24 -13.79 -9.27
N LYS A 17 -17.20 -13.82 -10.18
CA LYS A 17 -16.92 -14.00 -11.59
C LYS A 17 -15.84 -13.01 -12.10
N ALA A 18 -15.94 -11.73 -11.72
CA ALA A 18 -14.94 -10.75 -12.18
C ALA A 18 -13.54 -10.99 -11.63
N VAL A 19 -13.46 -11.49 -10.40
CA VAL A 19 -12.15 -11.85 -9.83
C VAL A 19 -11.56 -13.07 -10.53
N LEU A 20 -12.34 -14.13 -10.70
CA LEU A 20 -11.88 -15.30 -11.45
C LEU A 20 -11.26 -14.90 -12.80
N GLU A 21 -12.00 -14.10 -13.59
CA GLU A 21 -11.53 -13.62 -14.90
C GLU A 21 -10.09 -13.09 -14.84
N VAL A 22 -9.80 -12.28 -13.84
CA VAL A 22 -8.45 -11.75 -13.63
C VAL A 22 -7.43 -12.84 -13.30
N LEU A 23 -7.84 -13.88 -12.60
CA LEU A 23 -6.91 -14.97 -12.26
C LEU A 23 -6.48 -15.76 -13.50
N ASN A 24 -7.32 -15.73 -14.55
CA ASN A 24 -7.00 -16.42 -15.80
C ASN A 24 -6.07 -15.68 -16.75
N SER A 25 -5.90 -14.37 -16.56
CA SER A 25 -5.06 -13.57 -17.45
C SER A 25 -3.64 -13.53 -16.92
N LYS A 26 -2.75 -12.87 -17.65
CA LYS A 26 -1.35 -12.78 -17.20
C LYS A 26 -0.96 -11.39 -16.66
N GLN A 27 -1.89 -10.45 -16.66
N GLN A 27 -1.93 -10.50 -16.63
CA GLN A 27 -1.65 -9.15 -16.03
CA GLN A 27 -1.76 -9.16 -16.06
C GLN A 27 -2.35 -9.10 -14.69
C GLN A 27 -2.41 -9.13 -14.67
N LEU A 28 -1.58 -9.26 -13.62
CA LEU A 28 -2.11 -9.22 -12.25
C LEU A 28 -2.05 -7.81 -11.66
N THR A 29 -1.21 -6.97 -12.26
CA THR A 29 -1.08 -5.56 -11.86
C THR A 29 -0.57 -4.69 -13.01
N GLN A 30 -0.60 -3.37 -12.82
CA GLN A 30 -0.17 -2.39 -13.81
C GLN A 30 -0.81 -2.66 -15.20
N GLY A 31 -2.13 -2.85 -15.21
CA GLY A 31 -2.85 -3.25 -16.40
C GLY A 31 -4.12 -2.46 -16.61
N LYS A 32 -5.00 -3.01 -17.45
CA LYS A 32 -6.16 -2.30 -17.98
C LYS A 32 -7.22 -2.07 -16.93
N ARG A 33 -7.33 -3.00 -16.00
CA ARG A 33 -8.46 -2.98 -15.07
C ARG A 33 -8.46 -1.84 -14.07
N SER A 34 -7.30 -1.38 -13.60
CA SER A 34 -7.26 -0.17 -12.74
C SER A 34 -7.65 1.10 -13.50
N LEU A 35 -7.12 1.26 -14.72
CA LEU A 35 -7.56 2.34 -15.63
C LEU A 35 -9.06 2.30 -15.85
N LEU A 36 -9.60 1.12 -16.17
CA LEU A 36 -11.05 0.99 -16.34
C LEU A 36 -11.81 1.45 -15.09
N PHE A 37 -11.31 1.04 -13.92
CA PHE A 37 -11.90 1.39 -12.63
C PHE A 37 -11.85 2.90 -12.39
N GLU A 38 -10.69 3.49 -12.63
CA GLU A 38 -10.48 4.94 -12.51
C GLU A 38 -11.44 5.74 -13.43
N GLU A 39 -11.63 5.27 -14.66
CA GLU A 39 -12.56 5.90 -15.62
C GLU A 39 -13.99 5.82 -15.13
N ALA A 40 -14.39 4.64 -14.64
CA ALA A 40 -15.75 4.46 -14.14
C ALA A 40 -16.07 5.29 -12.89
N LEU A 41 -15.06 5.60 -12.08
CA LEU A 41 -15.25 6.48 -10.94
C LEU A 41 -15.51 7.93 -11.40
N CYS A 42 -14.62 8.42 -12.29
CA CYS A 42 -14.79 9.71 -12.97
C CYS A 42 -16.20 9.90 -13.51
N GLU A 43 -16.68 8.92 -14.28
CA GLU A 43 -18.05 8.96 -14.75
C GLU A 43 -18.97 9.06 -13.55
N PHE A 44 -18.81 8.15 -12.60
CA PHE A 44 -19.79 7.98 -11.53
C PHE A 44 -19.93 9.24 -10.71
N LEU A 45 -18.81 9.88 -10.42
CA LEU A 45 -18.79 11.07 -9.58
C LEU A 45 -18.89 12.38 -10.37
N GLY A 46 -18.79 12.31 -11.69
CA GLY A 46 -18.73 13.50 -12.54
C GLY A 46 -17.49 14.35 -12.31
N VAL A 47 -16.33 13.71 -12.22
CA VAL A 47 -15.07 14.44 -12.06
C VAL A 47 -14.15 14.12 -13.22
N LYS A 48 -13.05 14.86 -13.32
CA LYS A 48 -12.13 14.71 -14.44
C LYS A 48 -11.07 13.63 -14.25
N HIS A 49 -10.55 13.49 -13.04
CA HIS A 49 -9.42 12.61 -12.80
C HIS A 49 -9.56 11.72 -11.56
N ALA A 50 -9.14 10.46 -11.70
CA ALA A 50 -9.20 9.51 -10.60
C ALA A 50 -7.94 8.67 -10.55
N LEU A 51 -7.41 8.49 -9.34
CA LEU A 51 -6.32 7.54 -9.08
C LEU A 51 -6.63 6.56 -7.95
N VAL A 52 -6.45 5.27 -8.19
CA VAL A 52 -6.72 4.27 -7.15
C VAL A 52 -5.45 3.81 -6.44
N PHE A 53 -5.57 3.62 -5.12
CA PHE A 53 -4.40 3.22 -4.31
C PHE A 53 -4.70 1.96 -3.51
N ASN A 54 -3.66 1.36 -2.94
CA ASN A 54 -3.82 0.16 -2.11
C ASN A 54 -4.72 0.39 -0.89
N SER A 55 -4.72 1.62 -0.36
CA SER A 55 -5.60 2.02 0.74
C SER A 55 -5.97 3.52 0.64
N ALA A 56 -6.98 3.95 1.37
CA ALA A 56 -7.30 5.40 1.47
C ALA A 56 -6.24 6.16 2.26
N THR A 57 -5.63 5.51 3.26
CA THR A 57 -4.52 6.09 3.98
C THR A 57 -3.34 6.44 3.06
N SER A 58 -3.02 5.55 2.12
CA SER A 58 -1.99 5.82 1.12
C SER A 58 -2.38 6.95 0.17
N ALA A 59 -3.66 6.98 -0.19
CA ALA A 59 -4.24 8.05 -1.01
C ALA A 59 -4.22 9.42 -0.30
N LEU A 60 -4.55 9.45 0.99
CA LEU A 60 -4.46 10.66 1.80
C LEU A 60 -3.03 11.22 1.83
N LEU A 61 -2.05 10.33 1.94
CA LEU A 61 -0.67 10.75 2.01
C LEU A 61 -0.23 11.34 0.69
N THR A 62 -0.63 10.72 -0.42
CA THR A 62 -0.13 11.16 -1.69
C THR A 62 -0.70 12.56 -1.97
N LEU A 63 -1.98 12.75 -1.66
CA LEU A 63 -2.62 14.05 -1.70
C LEU A 63 -1.95 15.11 -0.80
N TYR A 64 -1.74 14.76 0.48
CA TYR A 64 -1.13 15.71 1.41
C TYR A 64 0.24 16.13 0.94
N ARG A 65 0.99 15.21 0.32
CA ARG A 65 2.36 15.47 -0.09
C ARG A 65 2.43 16.27 -1.37
N ASN A 66 1.36 16.28 -2.14
CA ASN A 66 1.43 16.80 -3.51
C ASN A 66 0.47 17.94 -3.88
N PHE A 67 -0.48 18.30 -3.02
CA PHE A 67 -1.43 19.36 -3.37
C PHE A 67 -0.68 20.67 -3.55
N SER A 68 0.23 20.95 -2.64
CA SER A 68 1.29 21.95 -2.84
C SER A 68 2.61 21.48 -2.24
N GLU A 69 3.70 22.13 -2.65
CA GLU A 69 5.00 21.88 -2.05
C GLU A 69 4.97 22.39 -0.60
N PHE A 70 5.82 21.83 0.25
CA PHE A 70 5.81 22.13 1.69
C PHE A 70 6.75 23.28 2.12
N SER A 71 6.20 24.17 2.94
CA SER A 71 6.94 25.30 3.49
C SER A 71 6.72 25.37 5.00
N ALA A 72 7.83 25.47 5.74
CA ALA A 72 7.76 25.53 7.21
C ALA A 72 6.97 26.74 7.73
N ASP A 73 6.75 27.72 6.85
CA ASP A 73 5.95 28.92 7.15
C ASP A 73 4.45 28.72 6.95
N ARG A 74 4.09 27.75 6.10
CA ARG A 74 2.67 27.42 5.86
C ARG A 74 2.43 25.94 6.21
N ASN A 75 2.40 25.66 7.50
CA ASN A 75 2.58 24.32 8.06
C ASN A 75 1.42 23.82 8.91
N GLU A 76 0.36 24.61 9.00
CA GLU A 76 -0.79 24.23 9.77
C GLU A 76 -1.95 23.95 8.84
N ILE A 77 -2.67 22.87 9.12
CA ILE A 77 -3.87 22.53 8.39
C ILE A 77 -4.98 22.31 9.40
N ILE A 78 -6.14 22.91 9.14
CA ILE A 78 -7.29 22.74 10.01
C ILE A 78 -8.06 21.51 9.57
N THR A 79 -8.44 20.70 10.55
CA THR A 79 -9.23 19.51 10.28
C THR A 79 -10.07 19.18 11.51
N THR A 80 -10.87 18.13 11.41
CA THR A 80 -11.74 17.72 12.48
C THR A 80 -11.02 16.74 13.37
N PRO A 81 -11.35 16.70 14.66
CA PRO A 81 -10.80 15.67 15.55
C PRO A 81 -11.69 14.42 15.60
N ILE A 82 -12.89 14.50 14.99
CA ILE A 82 -13.81 13.36 14.89
C ILE A 82 -13.65 12.69 13.52
N SER A 83 -12.57 11.93 13.41
CA SER A 83 -12.26 11.19 12.21
C SER A 83 -11.43 10.01 12.67
N PHE A 84 -11.22 9.06 11.77
CA PHE A 84 -10.29 8.00 12.04
C PHE A 84 -8.90 8.62 12.10
N VAL A 85 -8.03 8.09 12.97
CA VAL A 85 -6.73 8.71 13.25
C VAL A 85 -5.88 8.96 11.99
N ALA A 86 -6.13 8.20 10.92
CA ALA A 86 -5.33 8.30 9.71
C ALA A 86 -5.37 9.69 9.05
N THR A 87 -6.53 10.33 9.12
CA THR A 87 -6.69 11.68 8.55
C THR A 87 -5.61 12.61 9.14
N ALA A 88 -5.36 12.47 10.44
CA ALA A 88 -4.35 13.25 11.11
C ALA A 88 -2.94 12.69 10.91
N ASN A 89 -2.77 11.38 11.08
CA ASN A 89 -1.45 10.73 11.05
C ASN A 89 -0.70 11.09 9.77
N MET A 90 -1.44 11.19 8.68
CA MET A 90 -0.85 11.50 7.39
C MET A 90 -0.48 12.99 7.24
N LEU A 91 -1.16 13.87 7.97
CA LEU A 91 -0.72 15.27 8.06
C LEU A 91 0.67 15.32 8.67
N LEU A 92 0.84 14.67 9.83
CA LEU A 92 2.14 14.60 10.50
C LEU A 92 3.23 13.99 9.59
N GLU A 93 2.89 12.96 8.82
CA GLU A 93 3.84 12.33 7.89
C GLU A 93 4.18 13.25 6.71
N SER A 94 3.32 14.24 6.49
CA SER A 94 3.54 15.24 5.47
C SER A 94 4.19 16.52 6.01
N GLY A 95 4.43 16.54 7.33
CA GLY A 95 5.10 17.67 8.01
C GLY A 95 4.19 18.79 8.52
N TYR A 96 2.89 18.59 8.39
CA TYR A 96 1.92 19.56 8.86
C TYR A 96 1.54 19.37 10.32
N THR A 97 1.12 20.48 10.94
CA THR A 97 0.56 20.46 12.27
C THR A 97 -0.96 20.54 12.12
N PRO A 98 -1.68 19.58 12.72
CA PRO A 98 -3.11 19.65 12.64
C PRO A 98 -3.67 20.65 13.66
N VAL A 99 -4.63 21.46 13.22
CA VAL A 99 -5.36 22.35 14.10
C VAL A 99 -6.81 21.86 14.19
N PHE A 100 -7.27 21.58 15.41
CA PHE A 100 -8.53 20.89 15.60
C PHE A 100 -9.72 21.80 15.86
N ALA A 101 -10.70 21.74 14.96
CA ALA A 101 -11.89 22.60 15.03
C ALA A 101 -13.03 21.94 15.80
N GLY A 102 -14.06 22.72 16.11
CA GLY A 102 -15.25 22.18 16.74
C GLY A 102 -16.11 21.45 15.74
N ILE A 103 -17.09 20.68 16.22
CA ILE A 103 -18.00 19.96 15.34
C ILE A 103 -19.46 20.24 15.70
N LYS A 104 -20.38 19.64 14.96
CA LYS A 104 -21.81 19.88 15.17
C LYS A 104 -22.51 18.64 15.72
N ASN A 105 -23.81 18.76 16.00
CA ASN A 105 -24.64 17.63 16.43
C ASN A 105 -24.48 16.40 15.54
N ASP A 106 -24.23 16.63 14.25
CA ASP A 106 -24.15 15.56 13.28
C ASP A 106 -22.74 14.95 13.14
N GLY A 107 -21.78 15.47 13.92
CA GLY A 107 -20.41 14.95 13.90
C GLY A 107 -19.48 15.56 12.86
N ASN A 108 -20.05 16.40 12.00
CA ASN A 108 -19.28 17.08 10.96
C ASN A 108 -18.57 18.33 11.46
N ILE A 109 -17.48 18.69 10.78
CA ILE A 109 -16.75 19.91 11.08
C ILE A 109 -17.70 21.14 11.07
N ASP A 110 -17.55 22.04 12.06
CA ASP A 110 -18.45 23.19 12.22
C ASP A 110 -17.96 24.32 11.34
N GLU A 111 -18.66 24.55 10.22
CA GLU A 111 -18.23 25.56 9.26
C GLU A 111 -18.18 26.99 9.83
N LEU A 112 -18.91 27.23 10.91
CA LEU A 112 -18.91 28.54 11.57
C LEU A 112 -17.64 28.78 12.39
N ALA A 113 -17.06 27.72 12.94
CA ALA A 113 -15.95 27.83 13.91
C ALA A 113 -14.56 27.71 13.29
N LEU A 114 -14.48 27.86 11.98
CA LEU A 114 -13.23 27.71 11.26
C LEU A 114 -12.49 29.04 11.12
N GLU A 115 -13.27 30.13 10.99
CA GLU A 115 -12.76 31.51 10.95
C GLU A 115 -11.78 31.81 12.08
N LYS A 116 -12.27 31.64 13.31
CA LYS A 116 -11.54 31.81 14.56
C LYS A 116 -10.10 31.27 14.53
N LEU A 117 -9.86 30.22 13.72
CA LEU A 117 -8.65 29.40 13.87
C LEU A 117 -7.56 29.64 12.82
N ILE A 118 -7.92 30.27 11.70
N ILE A 118 -7.91 30.25 11.69
CA ILE A 118 -6.99 30.63 10.65
CA ILE A 118 -6.94 30.53 10.63
C ILE A 118 -5.95 31.62 11.17
C ILE A 118 -5.99 31.67 11.00
N ASN A 119 -4.70 31.45 10.73
CA ASN A 119 -3.66 32.47 10.91
C ASN A 119 -2.73 32.48 9.70
N GLU A 120 -1.49 32.89 9.90
CA GLU A 120 -0.50 32.97 8.81
C GLU A 120 -0.05 31.61 8.34
N ARG A 121 0.03 30.66 9.27
CA ARG A 121 0.54 29.32 8.98
C ARG A 121 -0.45 28.46 8.19
N THR A 122 -1.73 28.81 8.25
CA THR A 122 -2.81 28.00 7.66
C THR A 122 -2.64 27.79 6.18
N LYS A 123 -2.69 26.52 5.75
CA LYS A 123 -2.47 26.12 4.37
C LYS A 123 -3.72 25.51 3.75
N ALA A 124 -4.51 24.82 4.58
CA ALA A 124 -5.70 24.10 4.11
C ALA A 124 -6.71 23.77 5.20
N ILE A 125 -7.94 23.49 4.75
CA ILE A 125 -8.95 22.83 5.57
C ILE A 125 -9.16 21.42 5.02
N VAL A 126 -9.05 20.45 5.91
CA VAL A 126 -9.37 19.05 5.60
C VAL A 126 -10.67 18.67 6.29
N SER A 127 -11.74 18.53 5.52
CA SER A 127 -13.02 18.09 6.09
C SER A 127 -13.23 16.57 5.94
N VAL A 128 -14.16 16.03 6.75
CA VAL A 128 -14.55 14.63 6.71
C VAL A 128 -16.07 14.54 6.61
N ASP A 129 -16.56 13.85 5.61
CA ASP A 129 -18.00 13.64 5.51
C ASP A 129 -18.41 12.52 6.49
N TYR A 130 -18.57 12.91 7.76
CA TYR A 130 -18.82 11.97 8.84
C TYR A 130 -20.10 11.16 8.64
N ALA A 131 -19.97 9.82 8.73
CA ALA A 131 -21.05 8.88 8.47
C ALA A 131 -21.43 8.84 6.99
N GLY A 132 -20.78 9.67 6.19
CA GLY A 132 -21.12 9.76 4.77
C GLY A 132 -21.94 11.00 4.49
N LYS A 133 -22.37 11.71 5.54
CA LYS A 133 -23.11 12.96 5.42
C LYS A 133 -22.19 14.09 4.95
N SER A 134 -22.56 14.74 3.84
CA SER A 134 -21.76 15.85 3.34
C SER A 134 -21.58 16.95 4.38
N VAL A 135 -20.40 17.55 4.43
CA VAL A 135 -20.22 18.77 5.23
C VAL A 135 -20.88 19.95 4.51
N GLU A 136 -20.85 21.13 5.12
CA GLU A 136 -21.45 22.32 4.49
C GLU A 136 -20.51 22.92 3.45
N VAL A 137 -20.54 22.33 2.26
CA VAL A 137 -19.53 22.58 1.25
C VAL A 137 -19.48 24.04 0.82
N GLU A 138 -20.65 24.62 0.54
CA GLU A 138 -20.71 25.98 0.04
C GLU A 138 -19.84 26.88 0.92
N SER A 139 -20.05 26.81 2.24
CA SER A 139 -19.25 27.58 3.22
C SER A 139 -17.75 27.38 3.08
N VAL A 140 -17.27 26.16 3.28
CA VAL A 140 -15.83 25.91 3.32
C VAL A 140 -15.15 26.39 2.05
N GLN A 141 -15.82 26.19 0.91
CA GLN A 141 -15.36 26.70 -0.38
C GLN A 141 -15.14 28.22 -0.35
N LYS A 142 -16.19 28.96 0.02
CA LYS A 142 -16.15 30.43 0.07
C LYS A 142 -15.09 30.90 1.06
N LEU A 143 -15.01 30.26 2.23
CA LEU A 143 -13.98 30.56 3.22
C LEU A 143 -12.57 30.30 2.68
N CYS A 144 -12.38 29.14 2.06
CA CYS A 144 -11.09 28.76 1.47
C CYS A 144 -10.64 29.70 0.36
N LYS A 145 -11.60 30.21 -0.42
CA LYS A 145 -11.32 31.19 -1.46
C LYS A 145 -10.94 32.52 -0.80
N LYS A 146 -11.74 32.96 0.17
CA LYS A 146 -11.55 34.22 0.88
C LYS A 146 -10.18 34.32 1.57
N HIS A 147 -9.54 33.17 1.81
CA HIS A 147 -8.30 33.16 2.58
C HIS A 147 -7.12 32.51 1.87
N SER A 148 -7.30 32.14 0.60
CA SER A 148 -6.26 31.50 -0.22
C SER A 148 -5.85 30.13 0.33
N LEU A 149 -6.82 29.43 0.89
CA LEU A 149 -6.61 28.12 1.51
C LEU A 149 -7.05 27.02 0.57
N SER A 150 -6.30 25.92 0.58
CA SER A 150 -6.71 24.71 -0.14
C SER A 150 -7.83 23.98 0.60
N PHE A 151 -8.86 23.57 -0.14
CA PHE A 151 -9.95 22.77 0.41
C PHE A 151 -9.72 21.29 0.05
N LEU A 152 -9.50 20.46 1.08
CA LEU A 152 -9.27 19.03 0.88
C LEU A 152 -10.34 18.23 1.59
N SER A 153 -10.94 17.30 0.86
CA SER A 153 -12.05 16.52 1.39
C SER A 153 -11.69 15.05 1.61
N ASP A 154 -11.67 14.63 2.87
CA ASP A 154 -11.64 13.21 3.20
C ASP A 154 -13.08 12.68 3.13
N SER A 155 -13.41 12.04 2.02
CA SER A 155 -14.77 11.55 1.77
C SER A 155 -14.84 10.00 1.83
N SER A 156 -13.95 9.43 2.65
CA SER A 156 -13.81 7.97 2.81
C SER A 156 -15.13 7.26 2.99
N HIS A 157 -16.01 7.86 3.77
CA HIS A 157 -17.28 7.29 4.13
C HIS A 157 -18.33 7.53 3.07
N ALA A 158 -18.04 8.44 2.15
CA ALA A 158 -19.13 9.12 1.43
C ALA A 158 -19.23 8.94 -0.08
N LEU A 159 -18.65 7.86 -0.61
CA LEU A 159 -18.86 7.49 -2.00
C LEU A 159 -20.35 7.27 -2.23
N GLY A 160 -20.95 8.11 -3.07
CA GLY A 160 -22.37 8.00 -3.38
C GLY A 160 -23.18 9.12 -2.76
N SER A 161 -22.66 9.69 -1.67
CA SER A 161 -23.32 10.81 -1.01
C SER A 161 -23.45 12.03 -1.92
N GLU A 162 -24.48 12.81 -1.66
CA GLU A 162 -24.76 13.98 -2.45
C GLU A 162 -24.82 15.21 -1.56
N TYR A 163 -24.57 16.37 -2.16
CA TYR A 163 -24.75 17.66 -1.51
C TYR A 163 -25.51 18.52 -2.51
N GLN A 164 -26.59 19.16 -2.05
CA GLN A 164 -27.54 19.87 -2.94
C GLN A 164 -27.74 19.09 -4.25
N ASN A 165 -28.28 17.89 -4.11
CA ASN A 165 -28.49 16.91 -5.20
C ASN A 165 -27.33 16.63 -6.19
N LYS A 166 -26.10 16.93 -5.79
CA LYS A 166 -24.92 16.55 -6.58
C LYS A 166 -23.89 15.74 -5.78
N LYS A 167 -23.47 14.62 -6.36
CA LYS A 167 -22.57 13.65 -5.72
C LYS A 167 -21.22 14.24 -5.29
N VAL A 168 -20.87 13.97 -4.04
CA VAL A 168 -19.58 14.36 -3.45
C VAL A 168 -18.42 13.85 -4.28
N GLY A 169 -17.37 14.66 -4.41
CA GLY A 169 -16.16 14.25 -5.12
C GLY A 169 -15.45 15.40 -5.80
N GLY A 170 -16.24 16.29 -6.39
CA GLY A 170 -15.70 17.38 -7.20
C GLY A 170 -16.05 18.75 -6.65
N PHE A 171 -16.10 18.85 -5.33
CA PHE A 171 -16.36 20.11 -4.65
C PHE A 171 -15.07 20.73 -4.12
N ALA A 172 -14.04 19.90 -3.94
CA ALA A 172 -12.81 20.31 -3.30
C ALA A 172 -11.73 20.35 -4.35
N LEU A 173 -10.54 20.83 -3.99
CA LEU A 173 -9.40 20.67 -4.85
C LEU A 173 -9.24 19.18 -5.19
N ALA A 174 -9.34 18.33 -4.16
CA ALA A 174 -9.25 16.87 -4.31
C ALA A 174 -10.06 16.15 -3.22
N SER A 175 -10.54 14.96 -3.54
CA SER A 175 -11.33 14.15 -2.61
C SER A 175 -10.83 12.71 -2.50
N VAL A 176 -10.74 12.23 -1.27
CA VAL A 176 -10.31 10.86 -0.98
C VAL A 176 -11.51 9.96 -0.67
N PHE A 177 -11.52 8.78 -1.31
CA PHE A 177 -12.50 7.73 -1.01
C PHE A 177 -11.82 6.45 -0.52
N SER A 178 -12.54 5.63 0.22
CA SER A 178 -12.00 4.34 0.68
C SER A 178 -12.82 3.17 0.20
N PHE A 179 -12.12 2.12 -0.25
CA PHE A 179 -12.78 0.86 -0.63
C PHE A 179 -12.36 -0.29 0.28
N HIS A 180 -12.06 0.03 1.53
CA HIS A 180 -11.85 -0.94 2.59
C HIS A 180 -13.09 -1.86 2.71
N ALA A 181 -12.85 -3.12 3.09
CA ALA A 181 -13.87 -4.19 3.22
C ALA A 181 -15.25 -3.80 3.68
N ILE A 182 -15.35 -2.90 4.66
CA ILE A 182 -16.66 -2.56 5.21
C ILE A 182 -17.25 -1.22 4.72
N LYS A 183 -16.58 -0.60 3.73
CA LYS A 183 -16.99 0.69 3.18
C LYS A 183 -18.17 0.54 2.17
N PRO A 184 -18.73 1.68 1.67
CA PRO A 184 -19.88 1.58 0.75
C PRO A 184 -19.74 0.61 -0.43
N ILE A 185 -18.60 0.61 -1.13
CA ILE A 185 -18.21 -0.49 -2.02
C ILE A 185 -16.82 -0.94 -1.60
N THR A 186 -16.41 -2.16 -1.94
CA THR A 186 -15.09 -2.67 -1.47
C THR A 186 -14.18 -3.24 -2.57
N THR A 187 -12.87 -3.05 -2.37
CA THR A 187 -11.82 -3.75 -3.13
C THR A 187 -10.95 -4.54 -2.14
N ALA A 188 -11.55 -4.94 -1.02
CA ALA A 188 -10.83 -5.55 0.13
C ALA A 188 -10.00 -4.52 0.90
N GLU A 189 -8.95 -3.99 0.28
CA GLU A 189 -8.29 -2.76 0.76
C GLU A 189 -8.18 -1.90 -0.49
N GLY A 190 -8.23 -0.59 -0.32
CA GLY A 190 -8.08 0.27 -1.49
C GLY A 190 -8.65 1.64 -1.29
N GLY A 191 -8.11 2.60 -2.01
CA GLY A 191 -8.66 3.93 -1.98
C GLY A 191 -8.57 4.63 -3.32
N ALA A 192 -8.97 5.89 -3.31
CA ALA A 192 -8.86 6.72 -4.50
C ALA A 192 -8.66 8.19 -4.11
N VAL A 193 -7.91 8.92 -4.94
CA VAL A 193 -7.99 10.37 -4.94
C VAL A 193 -8.61 10.80 -6.26
N VAL A 194 -9.68 11.61 -6.17
CA VAL A 194 -10.29 12.17 -7.35
C VAL A 194 -10.10 13.71 -7.36
N THR A 195 -9.93 14.25 -8.55
CA THR A 195 -9.70 15.67 -8.71
C THR A 195 -10.13 16.22 -10.07
N ASN A 196 -10.32 17.54 -10.13
CA ASN A 196 -10.59 18.22 -11.38
C ASN A 196 -9.35 18.93 -11.95
N ASP A 197 -8.25 18.94 -11.18
CA ASP A 197 -6.99 19.58 -11.58
C ASP A 197 -6.02 18.57 -12.20
N SER A 198 -5.79 18.71 -13.50
CA SER A 198 -4.97 17.78 -14.25
C SER A 198 -3.51 17.68 -13.76
N GLU A 199 -2.99 18.77 -13.22
CA GLU A 199 -1.60 18.79 -12.76
C GLU A 199 -1.44 17.97 -11.48
N LEU A 200 -2.40 18.11 -10.58
CA LEU A 200 -2.47 17.31 -9.36
C LEU A 200 -2.47 15.81 -9.69
N HIS A 201 -3.43 15.40 -10.52
CA HIS A 201 -3.54 14.02 -10.96
C HIS A 201 -2.19 13.43 -11.36
N GLU A 202 -1.53 14.05 -12.34
CA GLU A 202 -0.28 13.53 -12.92
C GLU A 202 0.88 13.49 -11.93
N LYS A 203 0.83 14.38 -10.94
CA LYS A 203 1.90 14.49 -9.97
C LYS A 203 1.74 13.36 -8.95
N MET A 204 0.50 13.09 -8.57
CA MET A 204 0.29 12.04 -7.59
C MET A 204 0.19 10.66 -8.23
N LYS A 205 0.17 10.63 -9.56
CA LYS A 205 0.32 9.40 -10.33
C LYS A 205 1.75 8.84 -10.23
N LEU A 206 2.73 9.74 -10.15
CA LEU A 206 4.13 9.34 -10.11
C LEU A 206 4.56 9.07 -8.68
N PHE A 207 3.96 9.79 -7.75
CA PHE A 207 4.17 9.51 -6.35
C PHE A 207 3.74 8.07 -6.04
N ARG A 208 2.61 7.70 -6.64
CA ARG A 208 2.04 6.36 -6.54
C ARG A 208 2.93 5.23 -7.05
N SER A 209 3.86 5.56 -7.95
CA SER A 209 4.64 4.52 -8.61
C SER A 209 6.09 4.94 -8.91
N HIS A 210 6.90 5.04 -7.87
CA HIS A 210 8.36 5.21 -7.97
C HIS A 210 8.86 6.52 -8.61
N GLY A 211 7.94 7.40 -8.99
CA GLY A 211 8.28 8.61 -9.73
C GLY A 211 8.86 8.30 -11.10
N MET A 212 8.48 7.15 -11.65
CA MET A 212 9.00 6.66 -12.91
C MET A 212 8.25 7.22 -14.12
N LEU A 213 8.98 7.94 -14.98
CA LEU A 213 8.42 8.46 -16.25
C LEU A 213 8.89 7.58 -17.38
N LYS A 214 7.98 7.23 -18.29
CA LYS A 214 8.35 6.37 -19.42
C LYS A 214 9.36 7.08 -20.31
N LYS A 215 10.24 6.31 -20.94
CA LYS A 215 11.19 6.82 -21.94
C LYS A 215 11.50 5.73 -22.99
N ASP A 216 12.76 5.33 -23.11
CA ASP A 216 13.21 4.39 -24.14
C ASP A 216 12.29 3.20 -24.47
N PHE A 217 11.59 2.66 -23.47
CA PHE A 217 10.92 1.35 -23.52
C PHE A 217 11.71 0.41 -22.61
N PHE A 218 13.02 0.67 -22.53
CA PHE A 218 13.92 -0.06 -21.63
C PHE A 218 14.38 0.84 -20.49
N GLU A 219 14.41 2.15 -20.77
CA GLU A 219 14.92 3.13 -19.85
C GLU A 219 13.81 4.06 -19.39
N GLY A 220 13.86 4.45 -18.11
CA GLY A 220 12.93 5.43 -17.58
C GLY A 220 13.67 6.58 -16.95
N GLU A 221 12.93 7.59 -16.50
CA GLU A 221 13.50 8.73 -15.79
C GLU A 221 12.81 8.94 -14.45
N VAL A 222 13.60 9.34 -13.44
CA VAL A 222 13.10 9.66 -12.10
C VAL A 222 13.55 11.06 -11.68
N LYS A 223 12.59 11.99 -11.57
CA LYS A 223 12.85 13.38 -11.15
C LYS A 223 12.42 13.64 -9.71
N SER A 224 11.70 12.67 -9.13
CA SER A 224 11.13 12.83 -7.79
C SER A 224 10.80 11.48 -7.18
N ILE A 225 10.57 11.51 -5.88
CA ILE A 225 10.33 10.30 -5.13
C ILE A 225 8.94 9.73 -5.44
N GLY A 226 8.83 8.41 -5.30
CA GLY A 226 7.55 7.69 -5.47
C GLY A 226 7.59 6.40 -4.68
N HIS A 227 6.42 5.80 -4.49
CA HIS A 227 6.29 4.59 -3.69
C HIS A 227 5.72 3.49 -4.59
N ASN A 228 5.26 2.39 -3.99
CA ASN A 228 4.38 1.48 -4.71
C ASN A 228 3.13 1.36 -3.93
N PHE A 229 2.17 2.21 -4.28
CA PHE A 229 0.86 2.24 -3.67
C PHE A 229 -0.18 1.87 -4.71
N ARG A 230 0.22 1.14 -5.73
CA ARG A 230 -0.74 0.74 -6.77
C ARG A 230 -1.85 -0.16 -6.21
N LEU A 231 -2.98 -0.17 -6.91
CA LEU A 231 -4.04 -1.13 -6.66
C LEU A 231 -3.94 -2.15 -7.78
N ASN A 232 -3.87 -3.44 -7.42
CA ASN A 232 -3.70 -4.49 -8.42
C ASN A 232 -4.98 -4.86 -9.19
N GLU A 233 -4.81 -5.63 -10.26
CA GLU A 233 -5.90 -5.97 -11.18
C GLU A 233 -7.05 -6.76 -10.57
N ILE A 234 -6.74 -7.62 -9.61
CA ILE A 234 -7.76 -8.42 -8.97
C ILE A 234 -8.67 -7.52 -8.17
N GLN A 235 -8.09 -6.52 -7.50
CA GLN A 235 -8.88 -5.64 -6.68
C GLN A 235 -9.58 -4.57 -7.52
N SER A 236 -8.97 -4.21 -8.64
CA SER A 236 -9.62 -3.30 -9.59
C SER A 236 -10.89 -3.94 -10.20
N ALA A 237 -10.81 -5.20 -10.58
CA ALA A 237 -11.99 -5.92 -11.12
C ALA A 237 -13.15 -5.94 -10.14
N LEU A 238 -12.85 -6.19 -8.87
CA LEU A 238 -13.84 -6.20 -7.80
C LEU A 238 -14.46 -4.81 -7.60
N GLY A 239 -13.60 -3.79 -7.64
CA GLY A 239 -14.06 -2.42 -7.61
C GLY A 239 -15.02 -2.11 -8.74
N LEU A 240 -14.61 -2.36 -9.99
CA LEU A 240 -15.49 -2.12 -11.14
C LEU A 240 -16.84 -2.73 -10.82
N SER A 241 -16.79 -4.03 -10.52
CA SER A 241 -17.99 -4.81 -10.29
C SER A 241 -18.82 -4.25 -9.15
N GLN A 242 -18.19 -3.82 -8.06
CA GLN A 242 -18.97 -3.26 -6.95
C GLN A 242 -19.54 -1.88 -7.31
N LEU A 243 -18.74 -1.05 -7.98
CA LEU A 243 -19.21 0.27 -8.42
C LEU A 243 -20.50 0.21 -9.25
N LYS A 244 -20.56 -0.68 -10.23
CA LYS A 244 -21.76 -0.86 -11.05
C LYS A 244 -23.02 -1.08 -10.24
N LYS A 245 -22.89 -1.51 -8.98
CA LYS A 245 -24.09 -1.66 -8.15
C LYS A 245 -24.16 -0.73 -6.94
N ALA A 246 -23.32 0.31 -6.93
CA ALA A 246 -23.26 1.23 -5.76
C ALA A 246 -24.58 1.91 -5.42
N PRO A 247 -25.38 2.31 -6.43
CA PRO A 247 -26.68 2.87 -6.05
C PRO A 247 -27.64 1.84 -5.45
N PHE A 248 -27.55 0.58 -5.86
CA PHE A 248 -28.39 -0.47 -5.27
C PHE A 248 -27.96 -0.75 -3.81
N LEU A 249 -26.66 -0.81 -3.58
CA LEU A 249 -26.14 -1.12 -2.25
C LEU A 249 -26.45 0.02 -1.27
N MET A 250 -26.30 1.26 -1.75
CA MET A 250 -26.62 2.45 -0.98
C MET A 250 -28.10 2.52 -0.61
N GLN A 251 -28.95 2.00 -1.48
CA GLN A 251 -30.38 2.00 -1.21
C GLN A 251 -30.76 0.92 -0.20
N LYS A 252 -30.09 -0.22 -0.25
CA LYS A 252 -30.34 -1.25 0.78
C LYS A 252 -30.00 -0.76 2.19
N ARG A 253 -28.99 0.10 2.29
CA ARG A 253 -28.59 0.67 3.58
C ARG A 253 -29.55 1.78 4.02
N GLU A 254 -29.99 2.60 3.06
CA GLU A 254 -31.00 3.63 3.30
C GLU A 254 -32.29 2.98 3.77
N GLU A 255 -32.61 1.82 3.22
CA GLU A 255 -33.77 1.06 3.70
C GLU A 255 -33.60 0.59 5.15
N ALA A 256 -32.42 0.07 5.48
CA ALA A 256 -32.13 -0.29 6.87
C ALA A 256 -32.28 0.93 7.76
N ALA A 257 -31.72 2.07 7.35
CA ALA A 257 -31.83 3.32 8.11
C ALA A 257 -33.29 3.68 8.39
N LEU A 258 -34.13 3.58 7.37
CA LEU A 258 -35.54 3.93 7.47
C LEU A 258 -36.35 3.02 8.41
N THR A 259 -36.07 1.72 8.41
CA THR A 259 -36.65 0.81 9.41
C THR A 259 -36.24 1.22 10.82
N TYR A 260 -34.96 1.53 11.01
CA TYR A 260 -34.47 2.00 12.31
C TYR A 260 -35.25 3.24 12.73
N ASP A 261 -35.27 4.26 11.87
CA ASP A 261 -35.94 5.52 12.16
C ASP A 261 -37.35 5.29 12.69
N ARG A 262 -38.11 4.52 11.91
CA ARG A 262 -39.49 4.19 12.19
C ARG A 262 -39.64 3.72 13.64
N ILE A 263 -38.90 2.65 13.99
CA ILE A 263 -38.94 2.02 15.32
C ILE A 263 -38.36 2.89 16.44
N PHE A 264 -37.49 3.81 16.09
CA PHE A 264 -36.73 4.62 17.07
C PHE A 264 -37.40 5.97 17.33
N LYS A 265 -38.40 6.29 16.53
CA LYS A 265 -39.06 7.59 16.55
C LYS A 265 -39.56 7.98 17.94
N ASP A 266 -39.07 9.11 18.44
CA ASP A 266 -39.49 9.71 19.72
C ASP A 266 -39.09 8.94 20.99
N ASN A 267 -38.10 8.04 20.88
CA ASN A 267 -37.64 7.28 22.02
C ASN A 267 -36.97 8.22 23.03
N PRO A 268 -37.13 7.93 24.34
CA PRO A 268 -36.58 8.75 25.43
C PRO A 268 -35.07 8.66 25.67
N TYR A 269 -34.38 7.80 24.93
CA TYR A 269 -32.98 7.43 25.22
C TYR A 269 -31.90 8.10 24.38
N PHE A 270 -32.16 8.29 23.09
CA PHE A 270 -31.10 8.71 22.14
C PHE A 270 -31.67 9.25 20.85
N THR A 271 -30.82 10.02 20.16
CA THR A 271 -31.17 10.73 18.94
C THR A 271 -30.50 10.09 17.75
N PRO A 272 -31.26 9.40 16.89
CA PRO A 272 -30.64 8.96 15.64
C PRO A 272 -30.41 10.16 14.71
N LEU A 273 -29.31 10.11 13.96
CA LEU A 273 -28.93 11.21 13.06
C LEU A 273 -29.59 11.13 11.68
N HIS A 274 -30.02 9.94 11.27
CA HIS A 274 -30.55 9.75 9.93
C HIS A 274 -31.73 10.67 9.54
N PRO A 275 -32.74 10.83 10.44
CA PRO A 275 -33.88 11.65 10.03
C PRO A 275 -33.52 13.12 9.78
N LEU A 276 -32.30 13.51 10.17
CA LEU A 276 -31.82 14.89 10.07
C LEU A 276 -31.11 15.18 8.76
N LEU A 277 -30.98 14.16 7.91
CA LEU A 277 -30.32 14.34 6.62
C LEU A 277 -31.07 15.30 5.70
N LYS A 278 -30.33 16.13 4.97
CA LYS A 278 -30.94 16.97 3.95
C LYS A 278 -30.65 16.44 2.55
N ASP A 279 -29.51 15.78 2.37
CA ASP A 279 -29.21 15.16 1.08
C ASP A 279 -29.05 13.67 1.20
N LYS A 280 -28.97 12.99 0.04
CA LYS A 280 -28.67 11.56 -0.01
C LYS A 280 -27.30 11.26 0.60
N SER A 281 -27.25 10.21 1.43
CA SER A 281 -26.02 9.79 2.08
C SER A 281 -25.63 8.36 1.71
N SER A 282 -24.33 8.10 1.63
CA SER A 282 -23.80 6.74 1.50
C SER A 282 -24.34 5.79 2.56
N ASN A 283 -24.69 6.32 3.74
CA ASN A 283 -25.12 5.54 4.90
C ASN A 283 -24.08 4.50 5.33
N HIS A 284 -22.81 4.86 5.24
CA HIS A 284 -21.74 4.04 5.76
C HIS A 284 -21.97 3.66 7.24
N LEU A 285 -22.26 4.63 8.10
CA LEU A 285 -22.61 4.37 9.51
C LEU A 285 -24.05 4.74 9.77
N TYR A 286 -24.65 4.14 10.81
CA TYR A 286 -25.94 4.60 11.33
C TYR A 286 -25.76 5.02 12.78
N PRO A 287 -25.41 6.30 13.01
CA PRO A 287 -25.12 6.74 14.39
C PRO A 287 -26.35 7.06 15.25
N ILE A 288 -26.25 6.77 16.54
CA ILE A 288 -27.22 7.23 17.52
C ILE A 288 -26.45 8.03 18.56
N LEU A 289 -27.09 9.10 19.05
CA LEU A 289 -26.48 9.93 20.07
C LEU A 289 -27.29 9.82 21.35
N MET A 290 -26.67 9.18 22.36
CA MET A 290 -27.27 8.98 23.69
C MET A 290 -27.57 10.31 24.33
N HIS A 291 -28.57 10.35 25.19
CA HIS A 291 -28.74 11.50 26.07
C HIS A 291 -27.69 11.51 27.20
N GLN A 292 -27.35 12.72 27.66
CA GLN A 292 -26.35 12.96 28.70
C GLN A 292 -26.40 11.98 29.89
N LYS A 293 -27.61 11.73 30.38
CA LYS A 293 -27.83 10.82 31.51
C LYS A 293 -27.12 9.47 31.38
N PHE A 294 -26.89 9.02 30.14
CA PHE A 294 -26.27 7.72 29.89
C PHE A 294 -24.74 7.75 29.76
N PHE A 295 -24.15 8.94 29.70
CA PHE A 295 -22.70 9.04 29.48
C PHE A 295 -21.83 8.13 30.40
N THR A 296 -22.16 8.07 31.68
CA THR A 296 -21.39 7.27 32.64
C THR A 296 -21.77 5.78 32.59
N CYS A 297 -22.68 5.44 31.68
CA CYS A 297 -23.03 4.04 31.43
C CYS A 297 -22.44 3.46 30.15
N LYS A 298 -21.79 4.28 29.32
CA LYS A 298 -21.35 3.88 27.97
C LYS A 298 -20.90 2.43 27.90
N LYS A 299 -19.74 2.15 28.50
CA LYS A 299 -19.11 0.82 28.48
C LYS A 299 -20.12 -0.26 28.84
N LEU A 300 -20.91 -0.01 29.87
CA LEU A 300 -21.93 -0.97 30.30
C LEU A 300 -23.04 -1.13 29.26
N ILE A 301 -23.43 -0.02 28.64
CA ILE A 301 -24.38 -0.04 27.52
C ILE A 301 -23.81 -0.88 26.37
N LEU A 302 -22.55 -0.63 26.04
CA LEU A 302 -21.88 -1.32 24.93
C LEU A 302 -21.75 -2.81 25.18
N GLU A 303 -21.21 -3.17 26.35
CA GLU A 303 -21.07 -4.58 26.71
C GLU A 303 -22.43 -5.25 26.69
N SER A 304 -23.44 -4.54 27.17
CA SER A 304 -24.80 -5.09 27.17
C SER A 304 -25.36 -5.30 25.75
N LEU A 305 -25.00 -4.41 24.82
CA LEU A 305 -25.34 -4.64 23.41
C LEU A 305 -24.61 -5.85 22.82
N HIS A 306 -23.29 -5.94 23.02
CA HIS A 306 -22.47 -7.09 22.59
C HIS A 306 -23.06 -8.41 23.08
N LYS A 307 -23.44 -8.47 24.34
CA LYS A 307 -24.02 -9.69 24.90
C LYS A 307 -25.35 -10.09 24.20
N ARG A 308 -26.03 -9.12 23.59
CA ARG A 308 -27.24 -9.43 22.82
C ARG A 308 -26.92 -9.74 21.33
N GLY A 309 -25.65 -9.68 20.96
CA GLY A 309 -25.20 -9.97 19.59
C GLY A 309 -25.06 -8.75 18.67
N ILE A 310 -25.16 -7.57 19.25
CA ILE A 310 -25.05 -6.36 18.49
C ILE A 310 -23.66 -5.75 18.70
N LEU A 311 -22.75 -5.99 17.77
CA LEU A 311 -21.37 -5.53 17.93
C LEU A 311 -21.24 -4.08 17.52
N ALA A 312 -21.76 -3.22 18.39
CA ALA A 312 -21.76 -1.79 18.19
C ALA A 312 -20.34 -1.29 18.34
N GLN A 313 -20.01 -0.26 17.57
CA GLN A 313 -18.73 0.42 17.73
C GLN A 313 -18.96 1.89 18.03
N VAL A 314 -17.89 2.65 18.14
CA VAL A 314 -17.95 4.07 18.46
C VAL A 314 -17.04 4.83 17.53
N HIS A 315 -17.60 5.78 16.80
CA HIS A 315 -16.85 6.59 15.85
C HIS A 315 -17.06 8.07 16.13
N TYR A 316 -16.03 8.80 16.58
CA TYR A 316 -14.67 8.33 16.88
C TYR A 316 -14.16 8.98 18.17
N LYS A 317 -13.15 8.36 18.76
CA LYS A 317 -12.34 8.96 19.81
C LYS A 317 -11.69 10.25 19.27
N PRO A 318 -11.90 11.40 19.96
CA PRO A 318 -11.29 12.61 19.43
C PRO A 318 -9.81 12.41 19.23
N ILE A 319 -9.30 12.78 18.07
CA ILE A 319 -7.91 12.45 17.71
C ILE A 319 -6.85 12.99 18.67
N TYR A 320 -7.08 14.20 19.18
CA TYR A 320 -6.10 14.88 20.04
C TYR A 320 -5.93 14.16 21.36
N GLN A 321 -6.85 13.23 21.66
CA GLN A 321 -6.85 12.44 22.89
C GLN A 321 -5.80 11.32 22.92
N TYR A 322 -5.36 10.86 21.75
CA TYR A 322 -4.32 9.83 21.72
C TYR A 322 -3.01 10.36 22.28
N GLN A 323 -2.21 9.46 22.87
CA GLN A 323 -0.91 9.77 23.45
C GLN A 323 -0.02 10.58 22.54
N LEU A 324 0.04 10.18 21.27
CA LEU A 324 0.90 10.84 20.30
C LEU A 324 0.58 12.33 20.21
N TYR A 325 -0.72 12.65 20.20
CA TYR A 325 -1.17 14.02 20.01
C TYR A 325 -1.03 14.86 21.28
N GLN A 326 -1.22 14.21 22.42
CA GLN A 326 -1.02 14.84 23.72
C GLN A 326 0.46 15.11 24.04
N GLN A 327 1.36 14.35 23.43
CA GLN A 327 2.79 14.60 23.60
C GLN A 327 3.26 15.73 22.69
N LEU A 328 2.75 15.76 21.47
CA LEU A 328 3.21 16.74 20.48
C LEU A 328 2.56 18.11 20.64
N PHE A 329 1.28 18.13 20.98
CA PHE A 329 0.50 19.37 20.93
C PHE A 329 -0.19 19.71 22.23
N ASN A 330 -0.32 18.73 23.12
CA ASN A 330 -1.02 18.93 24.38
C ASN A 330 -2.28 19.82 24.21
N THR A 331 -3.19 19.33 23.35
CA THR A 331 -4.37 20.09 22.95
C THR A 331 -5.43 20.15 24.05
N ALA A 332 -6.01 21.35 24.21
CA ALA A 332 -7.11 21.57 25.13
C ALA A 332 -8.39 21.02 24.53
N PRO A 333 -9.10 20.18 25.29
CA PRO A 333 -10.34 19.51 24.90
C PRO A 333 -11.39 20.43 24.24
N LEU A 334 -12.13 19.88 23.28
CA LEU A 334 -13.23 20.62 22.66
C LEU A 334 -14.53 19.97 23.08
N LYS A 335 -15.42 20.76 23.68
CA LYS A 335 -16.62 20.23 24.28
C LYS A 335 -17.53 19.62 23.23
N SER A 336 -17.54 20.21 22.04
CA SER A 336 -18.33 19.67 20.94
C SER A 336 -17.86 18.25 20.61
N ALA A 337 -16.54 18.03 20.64
CA ALA A 337 -15.93 16.72 20.36
C ALA A 337 -16.23 15.69 21.45
N GLU A 338 -15.96 16.09 22.71
CA GLU A 338 -16.13 15.21 23.86
C GLU A 338 -17.57 14.75 24.00
N ASP A 339 -18.51 15.68 23.90
CA ASP A 339 -19.92 15.33 24.03
C ASP A 339 -20.33 14.32 22.97
N PHE A 340 -19.90 14.53 21.74
CA PHE A 340 -20.26 13.64 20.64
C PHE A 340 -19.69 12.24 20.85
N TYR A 341 -18.40 12.18 21.17
CA TYR A 341 -17.74 10.92 21.50
C TYR A 341 -18.47 10.18 22.61
N HIS A 342 -18.88 10.89 23.67
CA HIS A 342 -19.49 10.20 24.80
C HIS A 342 -20.87 9.72 24.41
N ALA A 343 -21.50 10.41 23.46
CA ALA A 343 -22.84 10.09 23.01
C ALA A 343 -22.94 9.04 21.88
N GLU A 344 -21.96 9.01 20.99
CA GLU A 344 -22.10 8.23 19.74
C GLU A 344 -22.00 6.72 19.90
N ILE A 345 -22.91 6.01 19.23
CA ILE A 345 -22.85 4.55 19.03
C ILE A 345 -23.27 4.24 17.58
N SER A 346 -22.40 3.51 16.86
CA SER A 346 -22.72 3.09 15.49
C SER A 346 -23.31 1.71 15.53
N LEU A 347 -24.58 1.61 15.11
CA LEU A 347 -25.31 0.36 15.03
C LEU A 347 -25.07 -0.36 13.70
N PRO A 348 -25.35 -1.67 13.65
CA PRO A 348 -25.13 -2.42 12.41
C PRO A 348 -25.90 -1.81 11.25
N CYS A 349 -25.19 -1.51 10.17
CA CYS A 349 -25.79 -0.97 8.97
C CYS A 349 -24.95 -1.36 7.74
N HIS A 350 -25.51 -2.24 6.92
CA HIS A 350 -24.85 -2.66 5.67
C HIS A 350 -25.90 -3.22 4.74
N ALA A 351 -25.50 -3.46 3.49
CA ALA A 351 -26.44 -3.84 2.43
C ALA A 351 -27.08 -5.24 2.63
N ASN A 352 -26.47 -6.05 3.47
CA ASN A 352 -26.89 -7.44 3.65
C ASN A 352 -27.90 -7.64 4.78
N LEU A 353 -28.27 -6.58 5.49
CA LEU A 353 -29.20 -6.68 6.60
C LEU A 353 -30.64 -6.62 6.12
N ASN A 354 -31.40 -7.69 6.31
CA ASN A 354 -32.81 -7.65 5.94
C ASN A 354 -33.69 -7.01 7.01
N LEU A 355 -34.96 -6.77 6.66
CA LEU A 355 -35.96 -6.15 7.56
C LEU A 355 -36.03 -6.83 8.92
N GLU A 356 -36.09 -8.15 8.93
CA GLU A 356 -36.21 -8.90 10.17
C GLU A 356 -35.05 -8.60 11.12
N SER A 357 -33.83 -8.72 10.63
CA SER A 357 -32.66 -8.42 11.45
C SER A 357 -32.68 -6.99 12.00
N VAL A 358 -33.05 -6.01 11.17
CA VAL A 358 -33.06 -4.62 11.63
C VAL A 358 -34.12 -4.45 12.70
N GLN A 359 -35.30 -5.02 12.47
CA GLN A 359 -36.37 -4.98 13.46
C GLN A 359 -35.88 -5.53 14.79
N ASN A 360 -35.38 -6.77 14.77
CA ASN A 360 -34.80 -7.42 15.96
C ASN A 360 -33.73 -6.59 16.66
N ILE A 361 -32.80 -6.02 15.88
CA ILE A 361 -31.71 -5.22 16.42
C ILE A 361 -32.27 -3.96 17.07
N ALA A 362 -33.17 -3.28 16.36
CA ALA A 362 -33.76 -2.03 16.87
C ALA A 362 -34.51 -2.24 18.20
N HIS A 363 -35.46 -3.19 18.21
CA HIS A 363 -36.20 -3.54 19.42
C HIS A 363 -35.26 -3.90 20.56
N SER A 364 -34.18 -4.61 20.22
CA SER A 364 -33.17 -5.03 21.18
C SER A 364 -32.31 -3.87 21.73
N VAL A 365 -31.96 -2.90 20.88
CA VAL A 365 -31.31 -1.67 21.36
C VAL A 365 -32.21 -1.00 22.41
N LEU A 366 -33.50 -0.94 22.12
CA LEU A 366 -34.47 -0.32 23.03
C LEU A 366 -34.53 -1.03 24.40
N LYS A 367 -34.64 -2.36 24.40
CA LYS A 367 -34.58 -3.14 25.64
C LYS A 367 -33.32 -2.81 26.44
N THR A 368 -32.18 -2.71 25.77
CA THR A 368 -30.93 -2.40 26.45
C THR A 368 -31.01 -1.10 27.26
N PHE A 369 -31.47 -0.03 26.63
CA PHE A 369 -31.52 1.27 27.30
C PHE A 369 -32.54 1.31 28.44
N GLU A 370 -33.69 0.64 28.25
CA GLU A 370 -34.68 0.46 29.33
C GLU A 370 -34.06 -0.24 30.54
N SER A 371 -33.20 -1.23 30.30
CA SER A 371 -32.46 -1.97 31.36
C SER A 371 -31.86 -1.06 32.41
N PHE A 372 -31.56 0.16 32.02
CA PHE A 372 -30.97 1.14 32.92
C PHE A 372 -32.07 2.11 33.43
N LYS A 373 -31.86 3.42 33.27
CA LYS A 373 -32.84 4.48 33.61
C LYS A 373 -32.18 5.79 34.07
N LYS B 2 5.04 -16.43 -31.28
CA LYS B 2 4.58 -16.08 -29.90
C LYS B 2 5.41 -14.90 -29.36
N GLU B 3 4.89 -14.23 -28.32
CA GLU B 3 5.60 -13.11 -27.69
C GLU B 3 6.00 -13.41 -26.24
N PHE B 4 7.31 -13.45 -25.98
CA PHE B 4 7.86 -13.83 -24.67
C PHE B 4 8.28 -12.67 -23.76
N ALA B 5 7.46 -12.37 -22.75
CA ALA B 5 7.82 -11.43 -21.68
C ALA B 5 8.89 -12.06 -20.80
N TYR B 6 9.74 -11.23 -20.20
CA TYR B 6 10.89 -11.75 -19.44
C TYR B 6 10.46 -12.52 -18.19
N SER B 7 9.26 -12.20 -17.68
CA SER B 7 8.67 -12.90 -16.56
C SER B 7 7.13 -12.84 -16.54
N GLU B 8 6.51 -13.83 -15.90
CA GLU B 8 5.05 -13.98 -15.87
C GLU B 8 4.65 -14.55 -14.51
N PRO B 9 3.40 -14.26 -14.07
CA PRO B 9 2.84 -15.03 -12.96
C PRO B 9 2.50 -16.46 -13.41
N CYS B 10 2.53 -17.41 -12.49
CA CYS B 10 2.17 -18.80 -12.78
C CYS B 10 1.18 -19.30 -11.75
N LEU B 11 -0.09 -19.04 -12.01
CA LEU B 11 -1.19 -19.44 -11.12
C LEU B 11 -1.78 -20.73 -11.62
N ASP B 12 -2.38 -21.51 -10.72
CA ASP B 12 -3.04 -22.77 -11.08
C ASP B 12 -4.41 -22.93 -10.41
N LYS B 13 -5.00 -24.13 -10.49
CA LYS B 13 -6.33 -24.36 -9.96
C LYS B 13 -6.45 -24.18 -8.45
N GLU B 14 -5.45 -24.59 -7.67
CA GLU B 14 -5.51 -24.38 -6.21
C GLU B 14 -5.35 -22.90 -5.82
N ASP B 15 -4.48 -22.18 -6.54
CA ASP B 15 -4.40 -20.70 -6.44
C ASP B 15 -5.79 -20.09 -6.61
N LYS B 16 -6.50 -20.50 -7.67
CA LYS B 16 -7.85 -20.01 -7.96
C LYS B 16 -8.86 -20.45 -6.92
N LYS B 17 -8.73 -21.68 -6.43
CA LYS B 17 -9.61 -22.19 -5.38
C LYS B 17 -9.40 -21.44 -4.06
N ALA B 18 -8.13 -21.20 -3.71
CA ALA B 18 -7.79 -20.45 -2.51
C ALA B 18 -8.46 -19.06 -2.46
N VAL B 19 -8.43 -18.34 -3.58
CA VAL B 19 -9.06 -17.01 -3.68
C VAL B 19 -10.59 -17.05 -3.51
N LEU B 20 -11.25 -18.04 -4.10
CA LEU B 20 -12.71 -18.18 -3.94
C LEU B 20 -13.17 -18.41 -2.50
N GLU B 21 -12.42 -19.21 -1.74
CA GLU B 21 -12.75 -19.40 -0.32
C GLU B 21 -12.81 -18.06 0.43
N VAL B 22 -11.98 -17.10 0.01
CA VAL B 22 -11.93 -15.79 0.65
C VAL B 22 -13.13 -14.92 0.26
N LEU B 23 -13.52 -14.95 -1.00
CA LEU B 23 -14.66 -14.17 -1.47
C LEU B 23 -15.98 -14.61 -0.85
N ASN B 24 -16.11 -15.91 -0.55
CA ASN B 24 -17.28 -16.45 0.14
C ASN B 24 -17.28 -16.10 1.61
N SER B 25 -16.17 -15.56 2.11
CA SER B 25 -16.04 -15.23 3.53
C SER B 25 -16.42 -13.77 3.83
N LYS B 26 -16.77 -13.48 5.08
CA LYS B 26 -17.06 -12.11 5.50
C LYS B 26 -15.81 -11.35 5.96
N GLN B 27 -14.64 -11.96 5.80
CA GLN B 27 -13.39 -11.38 6.25
C GLN B 27 -12.45 -11.14 5.08
N LEU B 28 -12.40 -9.93 4.58
CA LEU B 28 -11.62 -9.65 3.36
C LEU B 28 -10.27 -9.04 3.66
N THR B 29 -10.10 -8.52 4.88
CA THR B 29 -8.80 -8.00 5.32
C THR B 29 -8.67 -8.18 6.85
N GLN B 30 -7.47 -7.95 7.38
CA GLN B 30 -7.23 -8.05 8.82
C GLN B 30 -7.78 -9.38 9.37
N GLY B 31 -7.35 -10.49 8.77
CA GLY B 31 -7.91 -11.79 9.11
C GLY B 31 -6.89 -12.87 9.40
N LYS B 32 -7.37 -14.11 9.51
CA LYS B 32 -6.51 -15.27 9.79
C LYS B 32 -5.38 -15.44 8.76
N ARG B 33 -5.69 -15.19 7.48
CA ARG B 33 -4.83 -15.64 6.37
C ARG B 33 -3.48 -14.95 6.25
N SER B 34 -3.43 -13.67 6.59
CA SER B 34 -2.15 -12.96 6.57
C SER B 34 -1.29 -13.52 7.70
N LEU B 35 -1.89 -13.76 8.85
CA LEU B 35 -1.14 -14.40 9.95
C LEU B 35 -0.60 -15.76 9.51
N LEU B 36 -1.45 -16.56 8.82
CA LEU B 36 -1.05 -17.88 8.36
C LEU B 36 0.11 -17.81 7.37
N PHE B 37 0.00 -16.87 6.44
CA PHE B 37 0.99 -16.69 5.39
C PHE B 37 2.31 -16.28 6.03
N GLU B 38 2.25 -15.36 6.99
CA GLU B 38 3.42 -14.92 7.74
C GLU B 38 4.08 -16.11 8.45
N GLU B 39 3.26 -16.95 9.07
CA GLU B 39 3.65 -18.16 9.75
C GLU B 39 4.35 -19.11 8.80
N ALA B 40 3.73 -19.32 7.63
CA ALA B 40 4.27 -20.22 6.63
C ALA B 40 5.58 -19.69 6.07
N LEU B 41 5.74 -18.37 6.01
CA LEU B 41 7.01 -17.77 5.59
C LEU B 41 8.09 -18.03 6.63
N CYS B 42 7.76 -17.92 7.92
CA CYS B 42 8.69 -18.26 9.01
C CYS B 42 9.20 -19.71 8.91
N GLU B 43 8.28 -20.64 8.68
CA GLU B 43 8.55 -22.07 8.57
C GLU B 43 9.42 -22.38 7.36
N PHE B 44 9.14 -21.71 6.24
CA PHE B 44 9.92 -21.85 5.01
C PHE B 44 11.36 -21.34 5.12
N LEU B 45 11.52 -20.23 5.83
CA LEU B 45 12.81 -19.58 5.91
C LEU B 45 13.62 -19.98 7.15
N GLY B 46 12.94 -20.41 8.22
CA GLY B 46 13.61 -20.69 9.49
C GLY B 46 13.91 -19.44 10.32
N VAL B 47 13.05 -18.44 10.21
CA VAL B 47 13.18 -17.22 10.98
C VAL B 47 12.03 -17.12 11.99
N LYS B 48 12.15 -16.24 12.98
CA LYS B 48 11.13 -16.13 14.02
C LYS B 48 9.93 -15.30 13.57
N HIS B 49 10.18 -14.24 12.81
CA HIS B 49 9.11 -13.28 12.50
C HIS B 49 9.00 -12.92 11.02
N ALA B 50 7.77 -12.76 10.58
CA ALA B 50 7.50 -12.31 9.22
C ALA B 50 6.31 -11.38 9.25
N LEU B 51 6.37 -10.33 8.42
CA LEU B 51 5.29 -9.35 8.25
C LEU B 51 5.03 -9.14 6.79
N VAL B 52 3.77 -9.25 6.39
CA VAL B 52 3.40 -9.00 4.99
C VAL B 52 2.77 -7.62 4.75
N PHE B 53 3.10 -7.04 3.60
CA PHE B 53 2.72 -5.66 3.23
C PHE B 53 2.10 -5.64 1.83
N ASN B 54 1.45 -4.53 1.46
CA ASN B 54 0.87 -4.35 0.13
C ASN B 54 1.89 -4.45 -0.98
N SER B 55 3.14 -4.08 -0.72
CA SER B 55 4.21 -4.15 -1.72
C SER B 55 5.57 -4.20 -1.04
N ALA B 56 6.62 -4.59 -1.77
CA ALA B 56 7.96 -4.60 -1.20
C ALA B 56 8.52 -3.19 -0.94
N THR B 57 7.98 -2.20 -1.65
CA THR B 57 8.38 -0.85 -1.41
C THR B 57 7.90 -0.37 -0.03
N SER B 58 6.65 -0.64 0.31
CA SER B 58 6.14 -0.35 1.64
C SER B 58 6.89 -1.09 2.75
N ALA B 59 7.33 -2.30 2.46
CA ALA B 59 8.09 -3.10 3.43
C ALA B 59 9.43 -2.44 3.67
N LEU B 60 10.07 -1.98 2.60
CA LEU B 60 11.36 -1.27 2.66
C LEU B 60 11.29 0.01 3.48
N LEU B 61 10.40 0.92 3.08
CA LEU B 61 10.16 2.12 3.88
C LEU B 61 9.99 1.72 5.33
N THR B 62 9.18 0.69 5.58
CA THR B 62 8.85 0.33 6.95
C THR B 62 10.09 -0.12 7.69
N LEU B 63 10.94 -0.89 7.04
CA LEU B 63 12.20 -1.33 7.65
C LEU B 63 13.16 -0.15 7.88
N TYR B 64 13.26 0.68 6.85
CA TYR B 64 14.17 1.81 6.82
C TYR B 64 13.88 2.81 7.92
N ARG B 65 12.59 3.09 8.11
CA ARG B 65 12.11 4.04 9.10
C ARG B 65 12.22 3.49 10.51
N ASN B 66 12.23 2.16 10.66
CA ASN B 66 12.06 1.53 11.99
C ASN B 66 13.26 0.77 12.55
N PHE B 67 14.21 0.41 11.71
CA PHE B 67 15.34 -0.43 12.16
C PHE B 67 16.15 0.31 13.24
N SER B 68 16.15 1.64 13.18
CA SER B 68 16.69 2.50 14.22
C SER B 68 16.01 3.84 14.14
N GLU B 69 16.07 4.60 15.23
CA GLU B 69 15.66 6.00 15.19
C GLU B 69 16.66 6.78 14.33
N PHE B 70 16.14 7.73 13.56
CA PHE B 70 16.96 8.55 12.67
C PHE B 70 17.76 9.62 13.43
N SER B 71 19.03 9.76 13.06
CA SER B 71 19.86 10.86 13.59
C SER B 71 20.69 11.47 12.49
N ALA B 72 20.56 12.79 12.31
CA ALA B 72 21.32 13.56 11.30
C ALA B 72 22.84 13.31 11.35
N ASP B 73 23.31 12.78 12.47
CA ASP B 73 24.71 12.40 12.63
C ASP B 73 25.04 11.14 11.85
N ARG B 74 24.23 10.08 12.03
CA ARG B 74 24.39 8.83 11.29
C ARG B 74 23.35 8.74 10.17
N ASN B 75 23.57 9.51 9.11
CA ASN B 75 22.56 9.66 8.06
C ASN B 75 22.96 9.03 6.71
N GLU B 76 24.04 8.27 6.72
CA GLU B 76 24.53 7.63 5.49
C GLU B 76 24.36 6.10 5.52
N ILE B 77 23.79 5.58 4.45
CA ILE B 77 23.64 4.14 4.26
C ILE B 77 24.23 3.77 2.91
N ILE B 78 25.11 2.79 2.92
CA ILE B 78 25.81 2.32 1.72
C ILE B 78 24.95 1.26 1.00
N THR B 79 24.83 1.39 -0.32
CA THR B 79 24.10 0.41 -1.14
C THR B 79 24.60 0.35 -2.59
N THR B 80 24.16 -0.68 -3.32
CA THR B 80 24.50 -0.84 -4.74
C THR B 80 23.72 0.12 -5.62
N PRO B 81 24.35 0.61 -6.70
CA PRO B 81 23.65 1.36 -7.72
C PRO B 81 22.87 0.45 -8.70
N ILE B 82 23.15 -0.86 -8.64
CA ILE B 82 22.52 -1.84 -9.52
C ILE B 82 21.37 -2.55 -8.79
N SER B 83 20.22 -1.90 -8.85
CA SER B 83 19.02 -2.33 -8.15
C SER B 83 17.87 -1.51 -8.71
N PHE B 84 16.65 -2.02 -8.59
CA PHE B 84 15.49 -1.20 -8.89
C PHE B 84 15.52 0.05 -8.03
N VAL B 85 15.01 1.16 -8.57
CA VAL B 85 15.14 2.47 -7.94
C VAL B 85 14.58 2.52 -6.50
N ALA B 86 13.48 1.82 -6.26
CA ALA B 86 12.77 1.90 -4.98
C ALA B 86 13.71 1.68 -3.81
N THR B 87 14.74 0.88 -4.03
CA THR B 87 15.76 0.59 -3.01
C THR B 87 16.36 1.88 -2.43
N ALA B 88 16.57 2.87 -3.29
CA ALA B 88 17.08 4.18 -2.90
C ALA B 88 15.99 5.21 -2.62
N ASN B 89 14.92 5.24 -3.41
CA ASN B 89 13.84 6.18 -3.16
C ASN B 89 13.39 6.10 -1.70
N MET B 90 13.38 4.89 -1.15
CA MET B 90 12.98 4.67 0.24
C MET B 90 14.01 5.13 1.26
N LEU B 91 15.28 5.15 0.87
CA LEU B 91 16.32 5.73 1.74
C LEU B 91 16.14 7.25 1.84
N LEU B 92 15.89 7.90 0.71
CA LEU B 92 15.57 9.34 0.69
C LEU B 92 14.35 9.65 1.56
N GLU B 93 13.27 8.90 1.35
CA GLU B 93 12.04 9.09 2.13
C GLU B 93 12.28 8.87 3.62
N SER B 94 13.30 8.10 3.96
CA SER B 94 13.68 7.89 5.37
C SER B 94 14.73 8.89 5.82
N GLY B 95 15.04 9.85 4.95
CA GLY B 95 15.98 10.91 5.27
C GLY B 95 17.44 10.51 5.24
N TYR B 96 17.73 9.28 4.78
CA TYR B 96 19.12 8.85 4.66
C TYR B 96 19.67 9.26 3.31
N THR B 97 21.00 9.30 3.27
CA THR B 97 21.72 9.56 2.04
C THR B 97 22.41 8.25 1.63
N PRO B 98 22.11 7.77 0.41
CA PRO B 98 22.79 6.61 -0.16
C PRO B 98 24.23 6.89 -0.61
N VAL B 99 25.12 5.97 -0.25
CA VAL B 99 26.51 5.96 -0.70
C VAL B 99 26.67 4.74 -1.61
N PHE B 100 26.69 4.97 -2.93
CA PHE B 100 26.75 3.88 -3.90
C PHE B 100 28.11 3.19 -4.03
N ALA B 101 28.16 1.91 -3.65
CA ALA B 101 29.37 1.11 -3.76
C ALA B 101 29.58 0.51 -5.16
N GLY B 102 30.68 -0.22 -5.33
CA GLY B 102 30.99 -0.87 -6.59
C GLY B 102 30.42 -2.27 -6.66
N ILE B 103 30.20 -2.75 -7.87
CA ILE B 103 29.61 -4.07 -8.05
C ILE B 103 30.59 -5.04 -8.68
N LYS B 104 30.40 -6.34 -8.40
CA LYS B 104 31.13 -7.39 -9.08
C LYS B 104 30.46 -7.62 -10.42
N ASN B 105 31.10 -8.36 -11.31
CA ASN B 105 30.48 -8.61 -12.61
C ASN B 105 29.37 -9.68 -12.56
N ASP B 106 29.09 -10.22 -11.37
CA ASP B 106 27.88 -11.03 -11.16
C ASP B 106 26.68 -10.16 -10.77
N GLY B 107 26.88 -8.85 -10.82
CA GLY B 107 25.84 -7.88 -10.50
C GLY B 107 25.71 -7.47 -9.04
N ASN B 108 26.32 -8.22 -8.15
CA ASN B 108 26.18 -7.98 -6.72
C ASN B 108 27.11 -6.89 -6.20
N ILE B 109 26.71 -6.28 -5.08
CA ILE B 109 27.53 -5.30 -4.40
C ILE B 109 28.86 -5.96 -4.03
N ASP B 110 29.96 -5.30 -4.38
CA ASP B 110 31.28 -5.81 -4.09
C ASP B 110 31.60 -5.65 -2.61
N GLU B 111 31.67 -6.77 -1.92
CA GLU B 111 31.91 -6.79 -0.48
C GLU B 111 33.36 -6.43 -0.08
N LEU B 112 34.18 -5.99 -1.03
CA LEU B 112 35.53 -5.51 -0.68
C LEU B 112 35.60 -3.98 -0.75
N ALA B 113 35.13 -3.41 -1.86
CA ALA B 113 34.98 -1.96 -2.00
C ALA B 113 33.99 -1.29 -1.01
N LEU B 114 33.78 -1.92 0.15
CA LEU B 114 32.81 -1.43 1.14
C LEU B 114 33.47 -0.75 2.35
N GLU B 115 34.66 -1.21 2.72
CA GLU B 115 35.39 -0.59 3.81
C GLU B 115 35.85 0.81 3.45
N LYS B 116 36.31 0.99 2.20
CA LYS B 116 36.75 2.30 1.71
C LYS B 116 35.73 3.37 2.08
N LEU B 117 34.46 2.96 2.14
CA LEU B 117 33.34 3.90 2.18
C LEU B 117 32.74 4.18 3.57
N ILE B 118 33.12 3.38 4.58
CA ILE B 118 32.57 3.53 5.94
C ILE B 118 33.26 4.66 6.72
N ASN B 119 32.48 5.69 7.05
CA ASN B 119 33.00 6.83 7.82
C ASN B 119 32.26 7.05 9.13
N GLU B 120 32.13 8.32 9.54
CA GLU B 120 31.55 8.67 10.83
C GLU B 120 30.02 8.74 10.79
N ARG B 121 29.49 9.06 9.62
CA ARG B 121 28.05 9.21 9.44
C ARG B 121 27.34 7.97 8.90
N THR B 122 28.05 6.85 8.85
CA THR B 122 27.53 5.63 8.28
C THR B 122 26.70 4.88 9.31
N LYS B 123 25.49 4.49 8.90
CA LYS B 123 24.53 3.78 9.77
C LYS B 123 24.30 2.32 9.37
N ALA B 124 24.26 2.05 8.07
CA ALA B 124 23.90 0.71 7.58
C ALA B 124 24.43 0.37 6.20
N ILE B 125 24.50 -0.94 5.93
CA ILE B 125 24.76 -1.47 4.59
C ILE B 125 23.49 -2.14 4.07
N VAL B 126 23.08 -1.75 2.87
CA VAL B 126 21.93 -2.34 2.19
C VAL B 126 22.35 -3.09 0.90
N SER B 127 22.42 -4.42 1.00
CA SER B 127 22.71 -5.27 -0.17
C SER B 127 21.44 -5.67 -0.92
N VAL B 128 21.59 -5.88 -2.22
CA VAL B 128 20.52 -6.37 -3.07
C VAL B 128 20.97 -7.71 -3.66
N ASP B 129 20.14 -8.74 -3.52
CA ASP B 129 20.47 -10.05 -4.08
C ASP B 129 20.11 -10.09 -5.57
N TYR B 130 21.09 -9.78 -6.42
CA TYR B 130 20.84 -9.55 -7.85
C TYR B 130 20.56 -10.83 -8.62
N ALA B 131 19.39 -10.86 -9.26
CA ALA B 131 18.90 -12.02 -10.03
C ALA B 131 18.56 -13.22 -9.14
N GLY B 132 18.54 -13.00 -7.83
CA GLY B 132 18.30 -14.05 -6.88
C GLY B 132 19.59 -14.59 -6.31
N LYS B 133 20.72 -14.19 -6.89
CA LYS B 133 22.03 -14.62 -6.39
C LYS B 133 22.34 -13.95 -5.05
N SER B 134 22.68 -14.76 -4.06
CA SER B 134 22.99 -14.22 -2.74
C SER B 134 24.33 -13.48 -2.72
N VAL B 135 24.35 -12.30 -2.08
CA VAL B 135 25.61 -11.57 -1.85
C VAL B 135 26.53 -12.37 -0.92
N GLU B 136 27.76 -11.91 -0.75
CA GLU B 136 28.71 -12.59 0.15
C GLU B 136 28.40 -12.31 1.62
N VAL B 137 27.39 -13.03 2.11
CA VAL B 137 26.79 -12.79 3.42
C VAL B 137 27.81 -12.77 4.57
N GLU B 138 28.53 -13.87 4.73
CA GLU B 138 29.48 -14.03 5.83
C GLU B 138 30.49 -12.89 5.95
N SER B 139 30.88 -12.35 4.79
CA SER B 139 31.81 -11.24 4.70
C SER B 139 31.18 -9.89 5.03
N VAL B 140 29.86 -9.78 4.85
CA VAL B 140 29.14 -8.54 5.14
C VAL B 140 28.72 -8.51 6.62
N GLN B 141 28.41 -9.67 7.16
CA GLN B 141 28.07 -9.78 8.58
C GLN B 141 29.21 -9.31 9.48
N LYS B 142 30.44 -9.52 9.00
CA LYS B 142 31.66 -9.18 9.75
C LYS B 142 31.99 -7.68 9.64
N LEU B 143 31.93 -7.15 8.43
CA LEU B 143 32.22 -5.75 8.18
C LEU B 143 31.20 -4.85 8.89
N CYS B 144 30.05 -5.42 9.23
CA CYS B 144 29.00 -4.67 9.92
C CYS B 144 29.14 -4.79 11.43
N LYS B 145 29.42 -6.00 11.91
CA LYS B 145 29.73 -6.25 13.31
C LYS B 145 30.94 -5.41 13.76
N LYS B 146 31.91 -5.27 12.87
CA LYS B 146 33.15 -4.55 13.14
C LYS B 146 32.90 -3.04 13.29
N HIS B 147 32.22 -2.44 12.33
CA HIS B 147 32.02 -0.99 12.32
C HIS B 147 30.71 -0.55 12.98
N SER B 148 30.11 -1.48 13.74
CA SER B 148 28.83 -1.26 14.44
C SER B 148 27.70 -0.76 13.53
N LEU B 149 27.53 -1.44 12.40
CA LEU B 149 26.49 -1.06 11.44
C LEU B 149 25.36 -2.09 11.39
N SER B 150 24.19 -1.63 10.95
CA SER B 150 23.09 -2.53 10.63
C SER B 150 23.26 -3.13 9.23
N PHE B 151 23.14 -4.45 9.15
CA PHE B 151 23.05 -5.14 7.86
C PHE B 151 21.56 -5.31 7.48
N LEU B 152 21.16 -4.66 6.39
CA LEU B 152 19.80 -4.79 5.85
C LEU B 152 19.85 -5.39 4.44
N SER B 153 19.09 -6.47 4.24
CA SER B 153 19.09 -7.19 2.96
C SER B 153 17.81 -6.92 2.14
N ASP B 154 17.97 -6.35 0.95
CA ASP B 154 16.86 -6.27 0.00
C ASP B 154 16.97 -7.52 -0.86
N SER B 155 16.26 -8.56 -0.41
CA SER B 155 16.24 -9.86 -1.08
C SER B 155 14.94 -9.99 -1.91
N SER B 156 14.53 -8.88 -2.54
CA SER B 156 13.33 -8.84 -3.35
C SER B 156 13.11 -10.03 -4.29
N HIS B 157 14.15 -10.35 -5.04
CA HIS B 157 14.12 -11.36 -6.09
C HIS B 157 14.43 -12.75 -5.60
N ALA B 158 14.78 -12.88 -4.32
CA ALA B 158 15.56 -14.03 -3.86
C ALA B 158 14.87 -15.00 -2.90
N LEU B 159 13.55 -14.98 -2.84
CA LEU B 159 12.83 -15.97 -2.05
C LEU B 159 13.09 -17.37 -2.60
N GLY B 160 13.74 -18.21 -1.79
CA GLY B 160 14.11 -19.55 -2.22
C GLY B 160 15.61 -19.67 -2.37
N SER B 161 16.28 -18.55 -2.61
CA SER B 161 17.74 -18.54 -2.76
C SER B 161 18.44 -18.98 -1.48
N GLU B 162 19.66 -19.48 -1.66
CA GLU B 162 20.44 -20.03 -0.55
C GLU B 162 21.86 -19.48 -0.47
N TYR B 163 22.45 -19.53 0.73
CA TYR B 163 23.87 -19.22 0.92
C TYR B 163 24.46 -20.27 1.81
N GLN B 164 25.47 -20.97 1.27
CA GLN B 164 26.06 -22.13 1.94
C GLN B 164 24.96 -23.05 2.46
N ASN B 165 24.10 -23.46 1.52
CA ASN B 165 22.97 -24.38 1.76
C ASN B 165 21.98 -23.95 2.84
N LYS B 166 21.92 -22.65 3.11
CA LYS B 166 20.94 -22.06 4.05
C LYS B 166 20.11 -20.97 3.37
N LYS B 167 18.79 -21.04 3.51
CA LYS B 167 17.87 -20.05 2.91
C LYS B 167 18.19 -18.61 3.26
N VAL B 168 18.24 -17.78 2.24
CA VAL B 168 18.30 -16.35 2.39
C VAL B 168 17.07 -15.88 3.16
N GLY B 169 17.27 -15.08 4.20
CA GLY B 169 16.18 -14.54 5.00
C GLY B 169 16.59 -14.17 6.41
N GLY B 170 17.37 -15.03 7.05
CA GLY B 170 17.82 -14.80 8.41
C GLY B 170 19.31 -14.55 8.55
N PHE B 171 19.88 -13.77 7.64
CA PHE B 171 21.29 -13.45 7.68
C PHE B 171 21.49 -12.00 8.13
N ALA B 172 20.56 -11.14 7.71
CA ALA B 172 20.61 -9.73 8.03
C ALA B 172 19.84 -9.43 9.30
N LEU B 173 19.88 -8.18 9.75
CA LEU B 173 19.03 -7.76 10.86
C LEU B 173 17.58 -8.05 10.46
N ALA B 174 17.24 -7.68 9.22
CA ALA B 174 15.92 -7.95 8.62
C ALA B 174 16.10 -8.09 7.11
N SER B 175 15.25 -8.90 6.47
CA SER B 175 15.31 -9.07 5.01
C SER B 175 13.97 -8.79 4.37
N VAL B 176 14.00 -8.19 3.19
CA VAL B 176 12.80 -7.82 2.48
C VAL B 176 12.63 -8.71 1.24
N PHE B 177 11.42 -9.26 1.07
CA PHE B 177 11.07 -10.02 -0.15
C PHE B 177 9.91 -9.35 -0.85
N SER B 178 9.83 -9.55 -2.17
CA SER B 178 8.73 -9.07 -3.00
C SER B 178 7.87 -10.24 -3.52
N PHE B 179 6.56 -10.03 -3.57
CA PHE B 179 5.63 -10.97 -4.18
C PHE B 179 4.88 -10.28 -5.36
N HIS B 180 5.55 -9.32 -6.00
CA HIS B 180 5.02 -8.68 -7.20
C HIS B 180 4.70 -9.73 -8.28
N ALA B 181 3.73 -9.43 -9.14
CA ALA B 181 3.25 -10.30 -10.23
C ALA B 181 4.29 -11.19 -10.90
N ILE B 182 5.50 -10.69 -11.09
CA ILE B 182 6.50 -11.46 -11.84
C ILE B 182 7.65 -12.00 -10.98
N LYS B 183 7.47 -11.98 -9.66
CA LYS B 183 8.51 -12.46 -8.71
C LYS B 183 8.39 -13.98 -8.43
N PRO B 184 9.42 -14.61 -7.81
CA PRO B 184 9.39 -16.08 -7.60
C PRO B 184 8.04 -16.71 -7.20
N ILE B 185 7.33 -16.04 -6.29
CA ILE B 185 5.92 -16.33 -6.01
C ILE B 185 5.23 -14.95 -6.05
N THR B 186 3.94 -14.93 -6.32
CA THR B 186 3.20 -13.68 -6.39
C THR B 186 1.98 -13.67 -5.47
N THR B 187 1.64 -12.47 -5.00
CA THR B 187 0.32 -12.17 -4.47
C THR B 187 -0.29 -11.02 -5.32
N ALA B 188 0.15 -10.94 -6.58
CA ALA B 188 -0.16 -9.85 -7.52
C ALA B 188 0.60 -8.55 -7.16
N GLU B 189 0.29 -8.01 -5.99
CA GLU B 189 1.11 -6.98 -5.36
C GLU B 189 1.35 -7.46 -3.94
N GLY B 190 2.61 -7.42 -3.50
CA GLY B 190 2.93 -7.75 -2.14
C GLY B 190 4.39 -7.79 -1.76
N GLY B 191 4.66 -7.74 -0.47
CA GLY B 191 6.01 -7.86 0.05
C GLY B 191 6.07 -8.33 1.48
N ALA B 192 7.28 -8.47 2.00
CA ALA B 192 7.45 -8.94 3.38
C ALA B 192 8.77 -8.45 3.93
N VAL B 193 8.78 -8.29 5.25
CA VAL B 193 9.99 -8.10 5.99
C VAL B 193 10.05 -9.27 6.94
N VAL B 194 11.15 -10.00 6.92
CA VAL B 194 11.35 -11.05 7.92
C VAL B 194 12.53 -10.69 8.83
N THR B 195 12.48 -11.16 10.07
CA THR B 195 13.49 -10.80 11.04
C THR B 195 13.49 -11.82 12.17
N ASN B 196 14.62 -11.88 12.87
CA ASN B 196 14.75 -12.63 14.09
C ASN B 196 14.73 -11.69 15.29
N ASP B 197 14.45 -10.41 15.04
CA ASP B 197 14.41 -9.40 16.09
C ASP B 197 12.98 -9.03 16.47
N SER B 198 12.57 -9.54 17.61
CA SER B 198 11.21 -9.41 18.09
C SER B 198 10.73 -7.97 18.32
N GLU B 199 11.61 -7.11 18.82
CA GLU B 199 11.29 -5.72 19.10
C GLU B 199 11.05 -4.95 17.80
N LEU B 200 11.84 -5.28 16.79
CA LEU B 200 11.72 -4.65 15.49
C LEU B 200 10.43 -5.09 14.78
N HIS B 201 10.09 -6.39 14.91
CA HIS B 201 8.84 -6.94 14.37
C HIS B 201 7.65 -6.15 14.87
N GLU B 202 7.51 -6.09 16.18
CA GLU B 202 6.43 -5.36 16.85
C GLU B 202 6.29 -3.90 16.45
N LYS B 203 7.42 -3.24 16.24
CA LYS B 203 7.49 -1.83 15.86
C LYS B 203 7.04 -1.66 14.42
N MET B 204 7.44 -2.59 13.55
CA MET B 204 7.05 -2.55 12.14
C MET B 204 5.58 -2.94 11.97
N LYS B 205 5.11 -3.82 12.83
CA LYS B 205 3.71 -4.22 12.81
C LYS B 205 2.82 -3.01 13.08
N LEU B 206 3.23 -2.16 14.03
CA LEU B 206 2.51 -0.91 14.33
C LEU B 206 2.56 0.10 13.18
N PHE B 207 3.72 0.24 12.56
CA PHE B 207 3.90 1.14 11.45
C PHE B 207 3.03 0.73 10.24
N ARG B 208 2.80 -0.57 10.10
CA ARG B 208 2.01 -1.11 9.01
C ARG B 208 0.52 -0.78 9.14
N SER B 209 0.07 -0.46 10.35
CA SER B 209 -1.34 -0.23 10.57
C SER B 209 -1.62 0.89 11.57
N HIS B 210 -1.42 2.14 11.13
CA HIS B 210 -1.88 3.34 11.86
C HIS B 210 -1.27 3.58 13.25
N GLY B 211 -0.34 2.71 13.67
CA GLY B 211 0.19 2.75 15.03
C GLY B 211 -0.86 2.39 16.08
N MET B 212 -2.00 1.86 15.65
CA MET B 212 -3.08 1.50 16.57
C MET B 212 -2.74 0.32 17.48
N LEU B 213 -2.78 0.56 18.79
CA LEU B 213 -2.62 -0.49 19.80
C LEU B 213 -4.01 -0.88 20.30
N LYS B 214 -4.31 -2.17 20.30
CA LYS B 214 -5.62 -2.63 20.80
C LYS B 214 -5.71 -2.56 22.33
N LYS B 215 -6.69 -1.83 22.84
CA LYS B 215 -6.95 -1.76 24.30
C LYS B 215 -8.06 -2.75 24.71
N ASP B 216 -9.31 -2.32 24.61
CA ASP B 216 -10.44 -3.28 24.59
C ASP B 216 -11.03 -3.28 23.18
N PHE B 217 -12.25 -3.82 23.03
CA PHE B 217 -12.90 -3.90 21.73
C PHE B 217 -13.14 -2.51 21.08
N PHE B 218 -13.54 -1.54 21.91
CA PHE B 218 -14.06 -0.24 21.45
C PHE B 218 -13.04 0.88 21.37
N GLU B 219 -11.92 0.72 22.06
CA GLU B 219 -10.91 1.78 22.13
C GLU B 219 -9.52 1.23 21.89
N GLY B 220 -8.65 2.09 21.38
CA GLY B 220 -7.23 1.80 21.26
C GLY B 220 -6.39 3.00 21.63
N GLU B 221 -5.08 2.83 21.54
CA GLU B 221 -4.13 3.90 21.80
C GLU B 221 -3.17 4.04 20.61
N VAL B 222 -2.75 5.27 20.33
CA VAL B 222 -1.74 5.53 19.31
C VAL B 222 -0.59 6.28 19.97
N LYS B 223 0.63 5.78 19.84
CA LYS B 223 1.81 6.38 20.47
C LYS B 223 2.84 6.81 19.46
N SER B 224 2.62 6.41 18.21
CA SER B 224 3.53 6.70 17.11
C SER B 224 2.73 6.57 15.83
N ILE B 225 3.14 7.25 14.77
CA ILE B 225 2.34 7.18 13.55
C ILE B 225 2.48 5.80 12.91
N GLY B 226 1.57 5.53 11.99
CA GLY B 226 1.65 4.36 11.16
C GLY B 226 0.83 4.66 9.94
N HIS B 227 0.89 3.73 8.99
CA HIS B 227 0.21 3.86 7.71
C HIS B 227 -0.83 2.77 7.54
N ASN B 228 -1.29 2.56 6.29
CA ASN B 228 -2.08 1.38 5.94
C ASN B 228 -1.43 0.65 4.78
N PHE B 229 -0.49 -0.22 5.14
CA PHE B 229 0.22 -1.02 4.18
C PHE B 229 -0.15 -2.50 4.32
N ARG B 230 -1.32 -2.79 4.87
CA ARG B 230 -1.73 -4.20 5.04
C ARG B 230 -1.87 -4.95 3.69
N LEU B 231 -1.62 -6.25 3.74
CA LEU B 231 -1.92 -7.16 2.64
C LEU B 231 -3.29 -7.73 3.01
N ASN B 232 -4.23 -7.75 2.07
CA ASN B 232 -5.56 -8.27 2.37
C ASN B 232 -5.63 -9.79 2.33
N GLU B 233 -6.79 -10.33 2.70
CA GLU B 233 -7.00 -11.75 2.79
C GLU B 233 -6.97 -12.45 1.44
N ILE B 234 -7.44 -11.77 0.39
CA ILE B 234 -7.43 -12.35 -0.95
C ILE B 234 -6.00 -12.62 -1.37
N GLN B 235 -5.13 -11.61 -1.25
CA GLN B 235 -3.74 -11.87 -1.62
C GLN B 235 -2.95 -12.77 -0.67
N SER B 236 -3.33 -12.79 0.60
CA SER B 236 -2.68 -13.68 1.55
C SER B 236 -2.94 -15.12 1.18
N ALA B 237 -4.20 -15.41 0.81
CA ALA B 237 -4.64 -16.74 0.43
C ALA B 237 -3.85 -17.22 -0.76
N LEU B 238 -3.61 -16.31 -1.70
CA LEU B 238 -2.87 -16.58 -2.89
C LEU B 238 -1.42 -16.76 -2.52
N GLY B 239 -0.93 -15.93 -1.62
CA GLY B 239 0.44 -16.08 -1.09
C GLY B 239 0.72 -17.47 -0.56
N LEU B 240 -0.18 -17.97 0.29
CA LEU B 240 -0.07 -19.32 0.87
C LEU B 240 -0.03 -20.41 -0.20
N SER B 241 -1.00 -20.37 -1.11
CA SER B 241 -1.06 -21.35 -2.19
C SER B 241 0.22 -21.32 -3.03
N GLN B 242 0.70 -20.13 -3.35
CA GLN B 242 1.95 -19.96 -4.10
C GLN B 242 3.17 -20.45 -3.33
N LEU B 243 3.34 -19.98 -2.09
CA LEU B 243 4.44 -20.44 -1.23
C LEU B 243 4.55 -21.97 -1.16
N LYS B 244 3.42 -22.66 -1.05
CA LYS B 244 3.43 -24.13 -1.03
C LYS B 244 4.06 -24.75 -2.28
N LYS B 245 4.11 -24.05 -3.40
CA LYS B 245 4.82 -24.62 -4.55
C LYS B 245 6.08 -23.85 -5.00
N ALA B 246 6.55 -22.93 -4.16
CA ALA B 246 7.76 -22.15 -4.42
C ALA B 246 8.97 -23.00 -4.88
N PRO B 247 9.29 -24.10 -4.17
CA PRO B 247 10.38 -25.01 -4.61
C PRO B 247 10.17 -25.63 -6.01
N PHE B 248 8.98 -26.14 -6.29
CA PHE B 248 8.63 -26.59 -7.64
C PHE B 248 8.87 -25.49 -8.68
N LEU B 249 8.34 -24.30 -8.44
CA LEU B 249 8.49 -23.20 -9.41
C LEU B 249 9.94 -22.80 -9.62
N MET B 250 10.68 -22.74 -8.52
CA MET B 250 12.09 -22.42 -8.58
C MET B 250 12.83 -23.47 -9.41
N GLN B 251 12.41 -24.74 -9.32
CA GLN B 251 13.09 -25.82 -10.06
C GLN B 251 12.76 -25.80 -11.55
N LYS B 252 11.56 -25.33 -11.88
CA LYS B 252 11.24 -25.05 -13.29
C LYS B 252 12.16 -23.96 -13.84
N ARG B 253 12.29 -22.84 -13.12
CA ARG B 253 13.18 -21.78 -13.58
C ARG B 253 14.63 -22.24 -13.68
N GLU B 254 15.03 -23.11 -12.76
CA GLU B 254 16.36 -23.72 -12.79
C GLU B 254 16.57 -24.54 -14.07
N GLU B 255 15.62 -25.41 -14.39
CA GLU B 255 15.72 -26.23 -15.59
C GLU B 255 15.83 -25.42 -16.88
N ALA B 256 15.06 -24.33 -16.95
CA ALA B 256 15.11 -23.41 -18.08
C ALA B 256 16.48 -22.74 -18.19
N ALA B 257 17.05 -22.37 -17.05
CA ALA B 257 18.38 -21.79 -17.00
C ALA B 257 19.46 -22.76 -17.50
N LEU B 258 19.36 -24.02 -17.06
CA LEU B 258 20.27 -25.09 -17.48
C LEU B 258 20.28 -25.32 -19.01
N THR B 259 19.11 -25.19 -19.62
CA THR B 259 18.92 -25.30 -21.06
C THR B 259 19.63 -24.16 -21.79
N TYR B 260 19.28 -22.92 -21.46
CA TYR B 260 20.04 -21.75 -21.91
C TYR B 260 21.54 -22.02 -21.79
N ASP B 261 21.98 -22.45 -20.61
CA ASP B 261 23.40 -22.74 -20.34
C ASP B 261 24.00 -23.70 -21.37
N ARG B 262 23.31 -24.80 -21.65
CA ARG B 262 23.75 -25.77 -22.65
C ARG B 262 23.90 -25.15 -24.03
N ILE B 263 22.83 -24.52 -24.52
CA ILE B 263 22.85 -23.89 -25.85
C ILE B 263 23.86 -22.75 -25.97
N PHE B 264 24.18 -22.10 -24.85
CA PHE B 264 25.08 -20.95 -24.85
C PHE B 264 26.56 -21.31 -24.59
N LYS B 265 26.84 -22.56 -24.21
CA LYS B 265 28.22 -23.00 -23.94
C LYS B 265 29.25 -22.52 -24.97
N ASP B 266 30.39 -22.03 -24.49
CA ASP B 266 31.50 -21.59 -25.35
C ASP B 266 31.15 -20.59 -26.46
N ASN B 267 30.00 -19.91 -26.37
CA ASN B 267 29.61 -18.94 -27.39
C ASN B 267 30.52 -17.70 -27.38
N PRO B 268 30.76 -17.07 -28.55
CA PRO B 268 31.68 -15.94 -28.66
C PRO B 268 31.03 -14.56 -28.47
N TYR B 269 29.76 -14.54 -28.06
CA TYR B 269 28.97 -13.30 -28.04
C TYR B 269 28.82 -12.65 -26.66
N PHE B 270 28.42 -13.45 -25.67
CA PHE B 270 28.19 -12.98 -24.32
C PHE B 270 28.52 -14.05 -23.30
N THR B 271 28.60 -13.65 -22.02
CA THR B 271 28.80 -14.57 -20.91
C THR B 271 27.53 -14.64 -20.03
N PRO B 272 26.95 -15.84 -19.85
CA PRO B 272 25.81 -15.98 -18.95
C PRO B 272 26.27 -16.17 -17.53
N LEU B 273 25.46 -15.70 -16.59
CA LEU B 273 25.85 -15.74 -15.18
C LEU B 273 25.45 -17.04 -14.48
N HIS B 274 24.36 -17.66 -14.92
CA HIS B 274 23.86 -18.87 -14.26
C HIS B 274 24.91 -19.97 -14.01
N PRO B 275 25.81 -20.24 -14.98
CA PRO B 275 26.75 -21.35 -14.68
C PRO B 275 27.74 -21.02 -13.55
N LEU B 276 27.98 -19.73 -13.34
CA LEU B 276 28.89 -19.23 -12.29
C LEU B 276 28.40 -19.41 -10.85
N LEU B 277 27.10 -19.63 -10.64
CA LEU B 277 26.56 -19.82 -9.27
C LEU B 277 27.32 -20.85 -8.45
N LYS B 278 27.33 -20.68 -7.13
CA LYS B 278 27.88 -21.69 -6.23
C LYS B 278 26.87 -22.19 -5.20
N ASP B 279 25.69 -21.54 -5.21
CA ASP B 279 24.56 -21.91 -4.36
C ASP B 279 23.26 -21.90 -5.18
N LYS B 280 22.26 -22.62 -4.68
CA LYS B 280 20.92 -22.58 -5.27
C LYS B 280 20.40 -21.13 -5.27
N SER B 281 19.87 -20.71 -6.42
CA SER B 281 19.26 -19.41 -6.61
C SER B 281 17.80 -19.50 -7.05
N SER B 282 17.04 -18.44 -6.80
CA SER B 282 15.63 -18.39 -7.19
C SER B 282 15.45 -18.30 -8.70
N ASN B 283 16.53 -17.96 -9.41
CA ASN B 283 16.49 -17.66 -10.84
C ASN B 283 15.39 -16.65 -11.18
N HIS B 284 15.33 -15.52 -10.48
CA HIS B 284 14.31 -14.52 -10.84
C HIS B 284 14.58 -13.91 -12.21
N LEU B 285 15.86 -13.75 -12.56
CA LEU B 285 16.26 -13.33 -13.91
C LEU B 285 17.20 -14.32 -14.53
N TYR B 286 17.32 -14.29 -15.85
CA TYR B 286 18.44 -14.92 -16.53
C TYR B 286 19.23 -13.83 -17.26
N PRO B 287 20.30 -13.33 -16.62
CA PRO B 287 21.14 -12.29 -17.18
C PRO B 287 22.23 -12.83 -18.08
N ILE B 288 22.44 -12.15 -19.21
CA ILE B 288 23.60 -12.40 -20.07
C ILE B 288 24.41 -11.12 -20.20
N LEU B 289 25.73 -11.24 -20.26
CA LEU B 289 26.59 -10.07 -20.36
C LEU B 289 27.36 -10.02 -21.67
N MET B 290 27.02 -9.06 -22.51
CA MET B 290 27.71 -8.85 -23.78
C MET B 290 29.22 -8.60 -23.61
N HIS B 291 30.01 -9.10 -24.55
CA HIS B 291 31.41 -8.75 -24.62
C HIS B 291 31.55 -7.30 -25.05
N GLN B 292 32.61 -6.66 -24.57
CA GLN B 292 32.80 -5.22 -24.72
C GLN B 292 32.43 -4.70 -26.11
N LYS B 293 32.91 -5.40 -27.14
CA LYS B 293 32.74 -5.01 -28.55
C LYS B 293 31.29 -4.81 -29.02
N PHE B 294 30.32 -5.14 -28.16
CA PHE B 294 28.90 -5.06 -28.51
C PHE B 294 28.18 -3.86 -27.87
N PHE B 295 28.72 -3.36 -26.76
CA PHE B 295 28.12 -2.24 -26.01
C PHE B 295 27.50 -1.21 -26.94
N THR B 296 28.20 -0.92 -28.03
CA THR B 296 27.93 0.23 -28.90
C THR B 296 26.60 0.15 -29.66
N CYS B 297 25.98 -1.03 -29.67
CA CYS B 297 24.79 -1.24 -30.49
C CYS B 297 23.56 -1.78 -29.74
N LYS B 298 23.65 -1.84 -28.41
CA LYS B 298 22.55 -2.30 -27.54
C LYS B 298 21.16 -1.96 -28.07
N LYS B 299 20.93 -0.70 -28.41
CA LYS B 299 19.63 -0.25 -28.89
C LYS B 299 19.11 -1.11 -30.04
N LEU B 300 19.99 -1.42 -31.00
CA LEU B 300 19.58 -2.18 -32.19
C LEU B 300 19.48 -3.69 -31.96
N ILE B 301 20.31 -4.21 -31.05
CA ILE B 301 20.28 -5.62 -30.67
C ILE B 301 18.98 -5.98 -29.91
N LEU B 302 18.56 -5.09 -29.02
CA LEU B 302 17.35 -5.27 -28.25
C LEU B 302 16.08 -5.16 -29.10
N GLU B 303 16.07 -4.19 -30.03
CA GLU B 303 14.93 -4.00 -30.93
C GLU B 303 14.73 -5.19 -31.86
N SER B 304 15.81 -5.85 -32.24
CA SER B 304 15.71 -7.06 -33.06
C SER B 304 15.39 -8.31 -32.23
N LEU B 305 15.69 -8.28 -30.93
CA LEU B 305 15.22 -9.33 -30.03
C LEU B 305 13.72 -9.20 -29.87
N HIS B 306 13.24 -7.98 -29.56
CA HIS B 306 11.81 -7.66 -29.52
C HIS B 306 11.13 -7.99 -30.85
N LYS B 307 11.86 -7.78 -31.95
CA LYS B 307 11.33 -8.03 -33.29
C LYS B 307 10.96 -9.51 -33.43
N ARG B 308 11.82 -10.38 -32.91
CA ARG B 308 11.56 -11.83 -32.96
C ARG B 308 10.60 -12.34 -31.88
N GLY B 309 10.13 -11.43 -31.02
CA GLY B 309 9.16 -11.76 -29.98
C GLY B 309 9.72 -11.97 -28.59
N ILE B 310 11.04 -11.83 -28.45
CA ILE B 310 11.70 -11.93 -27.15
C ILE B 310 11.70 -10.55 -26.47
N LEU B 311 10.80 -10.32 -25.51
CA LEU B 311 10.71 -9.01 -24.85
C LEU B 311 11.76 -8.89 -23.75
N ALA B 312 13.03 -8.91 -24.16
CA ALA B 312 14.14 -8.81 -23.23
C ALA B 312 14.17 -7.45 -22.52
N GLN B 313 14.87 -7.39 -21.39
CA GLN B 313 14.91 -6.21 -20.53
C GLN B 313 16.30 -6.05 -19.95
N VAL B 314 16.58 -4.88 -19.39
CA VAL B 314 17.89 -4.61 -18.80
C VAL B 314 17.70 -4.26 -17.33
N HIS B 315 18.41 -4.96 -16.46
CA HIS B 315 18.43 -4.64 -15.05
C HIS B 315 19.90 -4.50 -14.65
N TYR B 316 20.34 -3.30 -14.26
CA TYR B 316 19.52 -2.08 -14.11
C TYR B 316 20.28 -0.84 -14.56
N LYS B 317 19.54 0.20 -14.92
CA LYS B 317 20.15 1.52 -15.07
C LYS B 317 20.65 1.95 -13.69
N PRO B 318 21.97 2.26 -13.58
CA PRO B 318 22.54 2.66 -12.28
C PRO B 318 21.80 3.85 -11.68
N ILE B 319 21.42 3.71 -10.40
CA ILE B 319 20.50 4.64 -9.74
C ILE B 319 20.95 6.12 -9.82
N TYR B 320 22.24 6.36 -9.62
CA TYR B 320 22.76 7.73 -9.62
C TYR B 320 22.54 8.47 -10.94
N GLN B 321 22.31 7.73 -12.03
CA GLN B 321 22.08 8.30 -13.35
C GLN B 321 20.72 8.99 -13.47
N TYR B 322 19.81 8.71 -12.56
CA TYR B 322 18.50 9.34 -12.62
C TYR B 322 18.63 10.82 -12.31
N GLN B 323 17.99 11.64 -13.11
CA GLN B 323 18.00 13.08 -12.91
C GLN B 323 17.97 13.37 -11.41
N LEU B 324 16.95 12.86 -10.72
CA LEU B 324 16.81 13.06 -9.27
C LEU B 324 18.09 12.88 -8.46
N TYR B 325 18.88 11.86 -8.76
CA TYR B 325 20.08 11.59 -7.97
C TYR B 325 21.27 12.49 -8.33
N GLN B 326 21.23 13.08 -9.52
CA GLN B 326 22.20 14.09 -9.93
C GLN B 326 21.97 15.38 -9.14
N GLN B 327 20.77 15.93 -9.28
CA GLN B 327 20.33 17.14 -8.56
C GLN B 327 20.74 17.14 -7.11
N LEU B 328 20.81 15.94 -6.52
CA LEU B 328 21.01 15.82 -5.10
C LEU B 328 22.44 15.53 -4.71
N PHE B 329 23.06 14.55 -5.35
CA PHE B 329 24.39 14.11 -4.90
C PHE B 329 25.46 14.26 -5.97
N ASN B 330 25.04 14.59 -7.20
CA ASN B 330 25.93 14.83 -8.34
C ASN B 330 26.87 13.67 -8.70
N THR B 331 26.81 12.60 -7.90
CA THR B 331 27.57 11.34 -8.06
C THR B 331 28.37 11.12 -9.37
N ALA B 332 29.65 10.88 -9.22
CA ALA B 332 30.48 10.52 -10.35
C ALA B 332 30.35 9.02 -10.62
N PRO B 333 29.98 8.64 -11.87
CA PRO B 333 29.89 7.26 -12.37
C PRO B 333 30.90 6.28 -11.77
N LEU B 334 30.49 5.04 -11.58
CA LEU B 334 31.39 3.97 -11.16
C LEU B 334 31.67 3.03 -12.33
N LYS B 335 32.93 2.65 -12.51
CA LYS B 335 33.33 1.89 -13.70
C LYS B 335 32.70 0.51 -13.79
N SER B 336 32.53 -0.15 -12.64
CA SER B 336 31.92 -1.48 -12.59
C SER B 336 30.42 -1.47 -12.93
N ALA B 337 29.71 -0.47 -12.40
CA ALA B 337 28.26 -0.36 -12.59
C ALA B 337 27.84 0.12 -13.99
N GLU B 338 28.63 1.00 -14.58
CA GLU B 338 28.37 1.50 -15.92
C GLU B 338 28.57 0.37 -16.93
N ASP B 339 29.65 -0.39 -16.73
CA ASP B 339 29.96 -1.55 -17.55
C ASP B 339 28.83 -2.57 -17.50
N PHE B 340 28.58 -3.12 -16.31
CA PHE B 340 27.48 -4.07 -16.10
C PHE B 340 26.19 -3.61 -16.79
N TYR B 341 25.81 -2.35 -16.59
CA TYR B 341 24.64 -1.76 -17.25
C TYR B 341 24.65 -1.92 -18.78
N HIS B 342 25.78 -1.61 -19.42
CA HIS B 342 25.86 -1.72 -20.90
C HIS B 342 25.92 -3.17 -21.36
N ALA B 343 26.53 -4.03 -20.56
CA ALA B 343 26.65 -5.44 -20.90
C ALA B 343 25.34 -6.23 -20.81
N GLU B 344 24.54 -5.92 -19.79
CA GLU B 344 23.42 -6.79 -19.35
C GLU B 344 22.16 -6.75 -20.20
N ILE B 345 21.67 -7.95 -20.51
CA ILE B 345 20.33 -8.18 -21.02
C ILE B 345 19.76 -9.35 -20.22
N SER B 346 18.51 -9.21 -19.79
CA SER B 346 17.77 -10.30 -19.11
C SER B 346 16.85 -11.03 -20.08
N LEU B 347 17.10 -12.32 -20.25
CA LEU B 347 16.28 -13.18 -21.12
C LEU B 347 15.08 -13.72 -20.34
N PRO B 348 13.95 -14.04 -21.06
CA PRO B 348 12.78 -14.61 -20.38
C PRO B 348 13.08 -15.84 -19.55
N CYS B 349 12.56 -15.84 -18.34
CA CYS B 349 12.82 -16.86 -17.37
C CYS B 349 11.66 -16.86 -16.39
N HIS B 350 10.90 -17.94 -16.39
CA HIS B 350 9.80 -18.09 -15.46
C HIS B 350 9.28 -19.52 -15.47
N ALA B 351 8.45 -19.83 -14.50
CA ALA B 351 8.03 -21.20 -14.23
C ALA B 351 7.22 -21.86 -15.35
N ASN B 352 6.60 -21.05 -16.21
CA ASN B 352 5.72 -21.54 -17.29
C ASN B 352 6.34 -21.56 -18.68
N LEU B 353 7.66 -21.51 -18.75
CA LEU B 353 8.35 -21.47 -20.03
C LEU B 353 8.90 -22.87 -20.30
N ASN B 354 8.31 -23.57 -21.26
CA ASN B 354 8.68 -24.96 -21.54
C ASN B 354 9.96 -25.08 -22.33
N LEU B 355 10.43 -26.32 -22.49
CA LEU B 355 11.65 -26.65 -23.22
C LEU B 355 11.70 -26.09 -24.66
N GLU B 356 10.63 -26.30 -25.43
CA GLU B 356 10.60 -25.80 -26.81
C GLU B 356 10.86 -24.29 -26.85
N SER B 357 10.15 -23.55 -25.99
CA SER B 357 10.25 -22.09 -25.92
C SER B 357 11.68 -21.63 -25.65
N VAL B 358 12.33 -22.23 -24.65
CA VAL B 358 13.71 -21.89 -24.28
C VAL B 358 14.65 -22.21 -25.42
N GLN B 359 14.50 -23.39 -25.99
CA GLN B 359 15.32 -23.81 -27.13
C GLN B 359 15.15 -22.83 -28.31
N ASN B 360 13.95 -22.28 -28.47
CA ASN B 360 13.71 -21.28 -29.52
C ASN B 360 14.29 -19.91 -29.23
N ILE B 361 13.99 -19.37 -28.05
CA ILE B 361 14.54 -18.08 -27.64
C ILE B 361 16.06 -18.14 -27.71
N ALA B 362 16.66 -19.21 -27.18
CA ALA B 362 18.11 -19.33 -27.15
C ALA B 362 18.70 -19.23 -28.57
N HIS B 363 18.15 -20.04 -29.47
CA HIS B 363 18.53 -20.03 -30.89
C HIS B 363 18.42 -18.62 -31.49
N SER B 364 17.25 -17.99 -31.32
CA SER B 364 17.02 -16.63 -31.81
C SER B 364 18.04 -15.63 -31.27
N VAL B 365 18.35 -15.71 -29.98
CA VAL B 365 19.37 -14.84 -29.37
C VAL B 365 20.72 -14.96 -30.07
N LEU B 366 21.17 -16.19 -30.33
CA LEU B 366 22.43 -16.41 -31.02
C LEU B 366 22.38 -15.85 -32.45
N LYS B 367 21.26 -16.07 -33.14
CA LYS B 367 21.14 -15.58 -34.52
C LYS B 367 21.26 -14.06 -34.57
N THR B 368 20.67 -13.40 -33.58
CA THR B 368 20.69 -11.94 -33.47
C THR B 368 22.09 -11.38 -33.21
N PHE B 369 22.88 -12.05 -32.38
CA PHE B 369 24.26 -11.65 -32.16
C PHE B 369 25.15 -11.95 -33.37
N GLU B 370 24.86 -13.04 -34.08
CA GLU B 370 25.60 -13.45 -35.27
C GLU B 370 25.52 -12.38 -36.35
N SER B 371 24.31 -11.84 -36.57
CA SER B 371 24.09 -10.80 -37.56
C SER B 371 24.70 -9.43 -37.19
N PHE B 372 25.73 -9.44 -36.34
CA PHE B 372 26.47 -8.24 -35.95
C PHE B 372 27.98 -8.52 -35.92
P PO4 C . -8.05 2.89 5.23
O1 PO4 C . -8.52 4.18 5.88
O2 PO4 C . -8.56 2.77 3.81
O3 PO4 C . -6.55 2.89 5.18
O4 PO4 C . -8.54 1.75 6.10
P PO4 D . 7.73 -3.75 -5.59
O1 PO4 D . 9.22 -3.52 -5.52
O2 PO4 D . 6.98 -2.80 -4.68
O3 PO4 D . 7.31 -3.52 -7.02
O4 PO4 D . 7.40 -5.15 -5.11
#